data_4FOG
#
_entry.id   4FOG
#
_cell.length_a   184.328
_cell.length_b   82.317
_cell.length_c   125.980
_cell.angle_alpha   90.00
_cell.angle_beta   132.30
_cell.angle_gamma   90.00
#
_symmetry.space_group_name_H-M   'C 1 2 1'
#
loop_
_entity.id
_entity.type
_entity.pdbx_description
1 polymer 'Thymidylate synthase'
2 non-polymer "5-FLUORO-2'-DEOXYURIDINE-5'-MONOPHOSPHATE"
3 non-polymer '5-METHYL-5,6,7,8-TETRAHYDROFOLIC ACID'
4 water water
#
_entity_poly.entity_id   1
_entity_poly.type   'polypeptide(L)'
_entity_poly.pdbx_seq_one_letter_code
;MTPYEDLLRFVLETGTPKSDRTGTGTRSLFGQQMRYDLSAGFPLLTTKKVHFKSVAYELLWFLRGDSNIGWLHEHGVTIW
DEWASDTGELGPIYGVQWRSWPAPSGEHIDQISAALDLLRTDPDSRRIIVSAWNVGEIERMALPPCHAFFQFYVADGRLS
CQLYQRSADLFLGVPFNIASYALLTHMMAAQAGLSVGEFIWTGGDCHIYDNHVEQVRLQLSREPRPYPKLLLADRDSIFE
YTYEDIVVKNYDPHPAIKAPVAV
;
_entity_poly.pdbx_strand_id   A,B,C,D
#
# COMPACT_ATOMS: atom_id res chain seq x y z
N MET A 1 13.90 -3.00 -24.10
CA MET A 1 13.16 -4.26 -24.18
C MET A 1 13.98 -5.46 -23.70
N THR A 2 15.30 -5.42 -23.87
CA THR A 2 16.16 -6.53 -23.48
C THR A 2 17.49 -6.08 -22.88
N PRO A 3 17.43 -5.31 -21.78
CA PRO A 3 18.60 -4.75 -21.11
C PRO A 3 19.68 -5.78 -20.86
N TYR A 4 19.30 -6.93 -20.31
CA TYR A 4 20.26 -7.98 -19.99
C TYR A 4 20.98 -8.45 -21.23
N GLU A 5 20.22 -8.77 -22.27
CA GLU A 5 20.79 -9.33 -23.48
C GLU A 5 21.81 -8.38 -24.10
N ASP A 6 21.47 -7.09 -24.15
CA ASP A 6 22.35 -6.07 -24.70
C ASP A 6 23.67 -6.03 -23.95
N LEU A 7 23.58 -6.21 -22.64
CA LEU A 7 24.78 -6.16 -21.81
C LEU A 7 25.62 -7.41 -22.01
N LEU A 8 24.96 -8.54 -22.23
CA LEU A 8 25.67 -9.79 -22.42
C LEU A 8 26.49 -9.70 -23.71
N ARG A 9 25.83 -9.29 -24.77
CA ARG A 9 26.51 -9.08 -26.04
C ARG A 9 27.72 -8.19 -25.83
N PHE A 10 27.47 -6.95 -25.40
CA PHE A 10 28.50 -5.92 -25.22
C PHE A 10 29.72 -6.42 -24.43
N VAL A 11 29.52 -7.38 -23.56
CA VAL A 11 30.63 -7.94 -22.79
C VAL A 11 31.32 -9.06 -23.56
N LEU A 12 30.58 -9.74 -24.42
CA LEU A 12 31.15 -10.78 -25.27
C LEU A 12 32.07 -10.15 -26.31
N GLU A 13 31.71 -8.95 -26.73
CA GLU A 13 32.36 -8.30 -27.86
C GLU A 13 33.46 -7.32 -27.47
N THR A 14 33.24 -6.61 -26.37
CA THR A 14 34.13 -5.56 -25.91
C THR A 14 34.95 -6.03 -24.71
N GLY A 15 34.46 -7.06 -24.04
CA GLY A 15 35.07 -7.53 -22.80
C GLY A 15 36.54 -7.83 -22.91
N THR A 16 37.27 -7.59 -21.82
CA THR A 16 38.71 -7.79 -21.81
C THR A 16 39.02 -9.13 -21.15
N PRO A 17 39.97 -9.88 -21.71
CA PRO A 17 40.37 -11.17 -21.14
C PRO A 17 40.89 -11.00 -19.73
N LYS A 18 40.81 -12.05 -18.91
CA LYS A 18 41.18 -11.93 -17.50
C LYS A 18 40.98 -13.23 -16.74
N SER A 19 41.93 -13.56 -15.89
CA SER A 19 41.82 -14.78 -15.10
C SER A 19 41.12 -14.43 -13.80
N ASP A 20 40.49 -15.42 -13.19
CA ASP A 20 39.86 -15.19 -11.89
C ASP A 20 40.50 -16.09 -10.85
N ARG A 21 39.69 -16.65 -9.95
CA ARG A 21 40.24 -17.50 -8.92
C ARG A 21 39.14 -18.08 -8.04
N THR A 22 38.75 -19.34 -8.32
CA THR A 22 39.28 -20.13 -9.43
C THR A 22 38.28 -20.26 -10.59
N GLY A 23 38.78 -20.76 -11.72
CA GLY A 23 37.95 -20.91 -12.89
C GLY A 23 38.77 -20.79 -14.15
N THR A 24 38.14 -20.35 -15.23
CA THR A 24 38.82 -20.24 -16.51
C THR A 24 38.85 -18.79 -17.02
N GLY A 25 39.04 -18.63 -18.34
CA GLY A 25 39.15 -17.32 -18.94
C GLY A 25 37.85 -16.55 -19.11
N THR A 26 37.64 -15.54 -18.26
CA THR A 26 36.50 -14.63 -18.42
C THR A 26 36.82 -13.46 -19.33
N ARG A 27 35.81 -12.96 -20.03
CA ARG A 27 35.87 -11.68 -20.71
C ARG A 27 35.14 -10.71 -19.79
N SER A 28 35.71 -9.55 -19.54
CA SER A 28 35.23 -8.73 -18.44
C SER A 28 35.17 -7.22 -18.68
N LEU A 29 34.14 -6.59 -18.14
CA LEU A 29 34.03 -5.14 -18.11
C LEU A 29 33.72 -4.72 -16.68
N PHE A 30 33.99 -3.47 -16.39
CA PHE A 30 33.78 -2.96 -15.04
C PHE A 30 32.73 -1.87 -15.11
N GLY A 31 31.86 -1.84 -14.11
CA GLY A 31 30.92 -0.75 -13.90
C GLY A 31 29.84 -0.63 -14.94
N GLN A 32 29.05 -1.69 -15.09
CA GLN A 32 27.98 -1.69 -16.09
C GLN A 32 26.59 -1.64 -15.43
N GLN A 33 25.64 -1.05 -16.14
CA GLN A 33 24.31 -0.76 -15.62
C GLN A 33 23.18 -1.23 -16.56
N MET A 34 22.27 -2.05 -16.04
CA MET A 34 21.03 -2.40 -16.73
C MET A 34 19.85 -1.74 -16.04
N ARG A 35 18.82 -1.49 -16.81
CA ARG A 35 17.68 -0.77 -16.34
C ARG A 35 16.38 -1.43 -16.76
N TYR A 36 15.54 -1.76 -15.79
CA TYR A 36 14.22 -2.35 -16.08
C TYR A 36 13.05 -1.54 -15.54
N ASP A 37 12.04 -1.39 -16.38
CA ASP A 37 10.80 -0.78 -15.96
C ASP A 37 9.88 -1.88 -15.49
N LEU A 38 9.77 -2.06 -14.18
CA LEU A 38 8.99 -3.15 -13.64
C LEU A 38 7.49 -3.12 -13.96
N SER A 39 6.94 -1.94 -14.22
CA SER A 39 5.54 -1.84 -14.59
C SER A 39 5.31 -2.46 -15.96
N ALA A 40 6.37 -2.55 -16.75
CA ALA A 40 6.24 -3.04 -18.10
C ALA A 40 6.20 -4.56 -18.16
N GLY A 41 6.71 -5.23 -17.12
CA GLY A 41 6.67 -6.67 -17.07
C GLY A 41 7.74 -7.23 -16.16
N PHE A 42 7.50 -8.42 -15.60
CA PHE A 42 8.47 -9.05 -14.70
C PHE A 42 9.68 -9.58 -15.46
N PRO A 43 10.90 -9.17 -15.06
CA PRO A 43 12.11 -9.50 -15.82
C PRO A 43 12.64 -10.92 -15.58
N LEU A 44 11.81 -11.90 -15.85
CA LEU A 44 12.29 -13.28 -15.86
C LEU A 44 12.61 -13.62 -17.31
N LEU A 45 13.88 -13.86 -17.60
CA LEU A 45 14.33 -13.89 -18.98
C LEU A 45 13.58 -14.92 -19.81
N THR A 46 13.32 -14.58 -21.06
CA THR A 46 12.57 -15.43 -21.96
C THR A 46 13.46 -16.12 -22.98
N THR A 47 14.72 -15.70 -23.05
CA THR A 47 15.66 -16.25 -24.02
C THR A 47 16.29 -17.54 -23.51
N LYS A 48 15.84 -17.97 -22.34
CA LYS A 48 16.32 -19.20 -21.75
C LYS A 48 15.46 -19.42 -20.53
N LYS A 49 15.09 -20.67 -20.26
CA LYS A 49 14.21 -20.95 -19.14
C LYS A 49 15.02 -20.82 -17.86
N VAL A 50 14.60 -19.90 -17.00
CA VAL A 50 15.24 -19.66 -15.71
C VAL A 50 14.52 -20.40 -14.60
N HIS A 51 15.26 -20.99 -13.68
CA HIS A 51 14.63 -21.79 -12.63
C HIS A 51 14.03 -20.94 -11.50
N PHE A 52 12.87 -20.35 -11.77
CA PHE A 52 12.27 -19.46 -10.81
C PHE A 52 12.04 -20.07 -9.43
N LYS A 53 11.67 -21.34 -9.37
CA LYS A 53 11.48 -21.97 -8.07
C LYS A 53 12.68 -21.76 -7.16
N SER A 54 13.87 -21.99 -7.69
CA SER A 54 15.09 -21.76 -6.92
C SER A 54 15.26 -20.30 -6.51
N VAL A 55 14.94 -19.38 -7.42
CA VAL A 55 15.06 -17.97 -7.12
C VAL A 55 14.18 -17.59 -5.93
N ALA A 56 12.92 -17.99 -5.97
CA ALA A 56 11.97 -17.60 -4.94
C ALA A 56 12.35 -18.16 -3.59
N TYR A 57 12.56 -19.46 -3.53
CA TYR A 57 12.88 -20.12 -2.27
C TYR A 57 14.13 -19.53 -1.66
N GLU A 58 15.09 -19.15 -2.52
CA GLU A 58 16.32 -18.52 -2.02
C GLU A 58 16.04 -17.17 -1.35
N LEU A 59 15.25 -16.32 -2.00
CA LEU A 59 14.90 -15.04 -1.41
C LEU A 59 14.16 -15.26 -0.09
N LEU A 60 13.19 -16.18 -0.07
CA LEU A 60 12.46 -16.45 1.18
C LEU A 60 13.42 -16.91 2.25
N TRP A 61 14.43 -17.64 1.82
CA TRP A 61 15.51 -18.08 2.70
C TRP A 61 16.25 -16.87 3.26
N PHE A 62 16.64 -15.96 2.38
CA PHE A 62 17.30 -14.71 2.78
C PHE A 62 16.47 -13.95 3.81
N LEU A 63 15.17 -13.80 3.53
CA LEU A 63 14.24 -13.08 4.39
C LEU A 63 14.03 -13.78 5.73
N ARG A 64 14.22 -15.10 5.77
CA ARG A 64 14.13 -15.81 7.05
C ARG A 64 15.34 -15.53 7.94
N GLY A 65 16.38 -14.91 7.38
CA GLY A 65 17.59 -14.63 8.13
C GLY A 65 18.38 -15.90 8.39
N ASP A 66 18.26 -16.83 7.45
CA ASP A 66 18.74 -18.18 7.61
C ASP A 66 20.19 -18.32 7.10
N SER A 67 21.02 -19.01 7.89
CA SER A 67 22.43 -19.16 7.60
C SER A 67 22.72 -20.58 7.11
N ASN A 68 21.84 -21.50 7.49
CA ASN A 68 21.99 -22.90 7.12
C ASN A 68 21.19 -23.29 5.87
N ILE A 69 21.64 -24.32 5.16
CA ILE A 69 20.99 -24.71 3.91
C ILE A 69 19.93 -25.80 4.14
N GLY A 70 19.60 -26.04 5.41
CA GLY A 70 18.60 -27.03 5.77
C GLY A 70 17.24 -26.70 5.19
N TRP A 71 16.67 -25.57 5.61
CA TRP A 71 15.37 -25.13 5.11
C TRP A 71 15.36 -25.09 3.58
N LEU A 72 16.52 -24.83 2.98
CA LEU A 72 16.63 -24.83 1.52
C LEU A 72 16.51 -26.24 0.91
N HIS A 73 17.12 -27.22 1.56
CA HIS A 73 17.00 -28.60 1.11
C HIS A 73 15.59 -29.12 1.27
N GLU A 74 14.97 -28.80 2.41
CA GLU A 74 13.58 -29.16 2.64
C GLU A 74 12.71 -28.92 1.40
N HIS A 75 13.03 -27.87 0.65
CA HIS A 75 12.25 -27.55 -0.55
C HIS A 75 12.95 -27.92 -1.86
N GLY A 76 13.97 -28.76 -1.76
CA GLY A 76 14.64 -29.30 -2.94
C GLY A 76 15.50 -28.32 -3.70
N VAL A 77 16.10 -27.38 -2.98
CA VAL A 77 16.98 -26.38 -3.58
C VAL A 77 18.43 -26.65 -3.18
N THR A 78 19.33 -26.63 -4.16
CA THR A 78 20.69 -27.09 -3.90
C THR A 78 21.76 -26.15 -4.42
N ILE A 79 21.37 -24.97 -4.85
CA ILE A 79 22.30 -24.03 -5.47
C ILE A 79 23.41 -23.61 -4.52
N TRP A 80 23.17 -23.77 -3.22
CA TRP A 80 24.18 -23.38 -2.22
C TRP A 80 25.02 -24.55 -1.67
N ASP A 81 24.68 -25.78 -2.05
CA ASP A 81 25.36 -26.98 -1.53
C ASP A 81 26.89 -26.93 -1.60
N GLU A 82 27.42 -26.26 -2.62
CA GLU A 82 28.83 -26.39 -2.93
C GLU A 82 29.75 -25.57 -2.04
N TRP A 83 29.19 -24.81 -1.11
CA TRP A 83 30.01 -24.01 -0.19
C TRP A 83 29.61 -24.26 1.25
N ALA A 84 28.70 -25.19 1.47
CA ALA A 84 28.16 -25.42 2.81
C ALA A 84 28.96 -26.46 3.57
N SER A 85 29.26 -26.18 4.83
CA SER A 85 30.04 -27.07 5.66
C SER A 85 29.33 -28.40 5.89
N ASP A 86 30.03 -29.35 6.51
CA ASP A 86 29.45 -30.65 6.84
C ASP A 86 28.14 -30.42 7.55
N THR A 87 28.09 -29.35 8.32
CA THR A 87 26.91 -29.01 9.10
C THR A 87 25.88 -28.26 8.26
N GLY A 88 26.27 -27.83 7.06
CA GLY A 88 25.39 -27.06 6.19
C GLY A 88 25.46 -25.57 6.43
N GLU A 89 26.41 -25.16 7.27
CA GLU A 89 26.61 -23.75 7.62
C GLU A 89 27.35 -23.02 6.52
N LEU A 90 27.00 -21.75 6.36
CA LEU A 90 27.59 -20.92 5.34
C LEU A 90 28.22 -19.66 5.96
N GLY A 91 27.96 -19.43 7.24
CA GLY A 91 28.46 -18.24 7.89
C GLY A 91 27.38 -17.17 7.87
N PRO A 92 27.73 -15.94 8.25
CA PRO A 92 26.77 -14.85 8.39
C PRO A 92 26.57 -14.14 7.06
N ILE A 93 25.93 -14.82 6.11
CA ILE A 93 25.79 -14.30 4.76
C ILE A 93 24.51 -13.49 4.61
N TYR A 94 24.21 -13.11 3.37
CA TYR A 94 23.06 -12.28 3.04
C TYR A 94 21.98 -12.17 4.13
N GLY A 95 21.16 -13.21 4.26
CA GLY A 95 20.05 -13.21 5.19
C GLY A 95 20.44 -12.76 6.60
N VAL A 96 21.59 -13.23 7.06
CA VAL A 96 22.08 -12.86 8.39
C VAL A 96 22.34 -11.36 8.53
N GLN A 97 22.98 -10.76 7.52
CA GLN A 97 23.23 -9.32 7.59
C GLN A 97 21.94 -8.55 7.40
N TRP A 98 21.03 -9.07 6.58
CA TRP A 98 19.77 -8.38 6.29
C TRP A 98 18.92 -8.27 7.53
N ARG A 99 18.81 -9.37 8.27
CA ARG A 99 17.84 -9.50 9.33
C ARG A 99 18.40 -9.20 10.72
N SER A 100 19.70 -9.34 10.90
CA SER A 100 20.33 -9.23 12.22
C SER A 100 21.81 -8.92 12.15
N TRP A 101 22.13 -7.80 11.52
CA TRP A 101 23.49 -7.29 11.50
C TRP A 101 23.90 -6.99 12.96
N PRO A 102 25.05 -7.54 13.37
CA PRO A 102 25.51 -7.42 14.76
C PRO A 102 26.12 -6.05 15.05
N ALA A 103 25.32 -5.13 15.54
CA ALA A 103 25.82 -3.84 15.97
C ALA A 103 26.77 -4.02 17.14
N PRO A 104 27.63 -3.01 17.41
CA PRO A 104 28.50 -2.93 18.58
C PRO A 104 27.79 -2.71 19.93
N SER A 105 26.49 -2.43 19.90
CA SER A 105 25.71 -2.37 21.13
C SER A 105 25.27 -3.75 21.60
N GLY A 106 25.52 -4.77 20.78
CA GLY A 106 25.02 -6.10 21.02
C GLY A 106 23.67 -6.28 20.35
N GLU A 107 23.08 -5.16 19.96
CA GLU A 107 21.82 -5.19 19.22
C GLU A 107 21.98 -5.85 17.84
N HIS A 108 20.90 -6.45 17.35
CA HIS A 108 20.87 -6.95 15.99
C HIS A 108 19.93 -6.11 15.17
N ILE A 109 20.42 -5.61 14.06
CA ILE A 109 19.65 -4.68 13.27
C ILE A 109 19.02 -5.39 12.10
N ASP A 110 17.69 -5.31 12.06
CA ASP A 110 16.87 -5.82 10.98
C ASP A 110 16.75 -4.70 9.95
N GLN A 111 17.54 -4.80 8.88
CA GLN A 111 17.57 -3.77 7.84
C GLN A 111 16.32 -3.77 6.98
N ILE A 112 15.76 -4.95 6.76
CA ILE A 112 14.55 -5.07 5.96
C ILE A 112 13.38 -4.33 6.61
N SER A 113 13.13 -4.62 7.88
CA SER A 113 12.11 -3.92 8.63
C SER A 113 12.36 -2.42 8.64
N ALA A 114 13.60 -2.04 8.89
CA ALA A 114 13.94 -0.61 8.93
C ALA A 114 13.66 0.06 7.60
N ALA A 115 13.97 -0.62 6.49
CA ALA A 115 13.79 -0.05 5.17
C ALA A 115 12.30 0.14 4.91
N LEU A 116 11.54 -0.91 5.19
CA LEU A 116 10.11 -0.89 4.97
C LEU A 116 9.41 0.20 5.80
N ASP A 117 9.85 0.36 7.03
CA ASP A 117 9.36 1.41 7.90
C ASP A 117 9.60 2.78 7.27
N LEU A 118 10.80 2.99 6.76
CA LEU A 118 11.13 4.25 6.10
C LEU A 118 10.19 4.52 4.95
N LEU A 119 10.02 3.50 4.12
CA LEU A 119 9.17 3.61 2.97
C LEU A 119 7.80 4.08 3.39
N ARG A 120 7.28 3.56 4.49
CA ARG A 120 5.92 3.89 4.95
C ARG A 120 5.80 5.28 5.57
N THR A 121 6.79 5.66 6.37
CA THR A 121 6.73 6.91 7.12
C THR A 121 7.53 8.07 6.50
N ASP A 122 8.56 7.78 5.70
CA ASP A 122 9.43 8.82 5.15
C ASP A 122 9.94 8.44 3.76
N PRO A 123 9.03 8.36 2.79
CA PRO A 123 9.26 7.86 1.42
C PRO A 123 10.38 8.61 0.71
N ASP A 124 10.65 9.84 1.13
CA ASP A 124 11.62 10.69 0.47
C ASP A 124 13.02 10.55 1.05
N SER A 125 13.12 9.80 2.13
CA SER A 125 14.43 9.54 2.72
C SER A 125 15.41 9.09 1.63
N ARG A 126 16.65 9.52 1.75
CA ARG A 126 17.72 9.09 0.86
C ARG A 126 18.63 8.06 1.56
N ARG A 127 18.13 7.47 2.63
CA ARG A 127 18.91 6.54 3.44
C ARG A 127 18.23 5.19 3.46
N ILE A 128 17.26 5.01 2.59
CA ILE A 128 16.56 3.73 2.52
C ILE A 128 17.46 2.69 1.86
N ILE A 129 18.36 2.13 2.67
CA ILE A 129 19.44 1.25 2.21
C ILE A 129 19.55 -0.07 2.99
N VAL A 130 19.96 -1.13 2.30
CA VAL A 130 20.30 -2.40 2.94
C VAL A 130 21.69 -2.82 2.49
N SER A 131 22.56 -3.17 3.44
CA SER A 131 23.92 -3.57 3.10
C SER A 131 24.27 -4.94 3.68
N ALA A 132 24.64 -5.86 2.81
CA ALA A 132 25.11 -7.17 3.22
C ALA A 132 26.61 -7.13 3.40
N TRP A 133 27.22 -6.02 2.99
CA TRP A 133 28.68 -5.92 3.01
C TRP A 133 29.19 -5.52 4.39
N ASN A 134 29.33 -6.51 5.25
CA ASN A 134 29.80 -6.28 6.60
C ASN A 134 31.30 -6.56 6.74
N VAL A 135 32.10 -5.50 6.63
CA VAL A 135 33.55 -5.65 6.64
C VAL A 135 34.05 -6.51 7.81
N GLY A 136 33.37 -6.40 8.95
CA GLY A 136 33.78 -7.12 10.13
C GLY A 136 33.57 -8.61 10.06
N GLU A 137 32.80 -9.08 9.08
CA GLU A 137 32.39 -10.49 9.05
C GLU A 137 32.64 -11.19 7.73
N ILE A 138 33.27 -10.50 6.79
CA ILE A 138 33.50 -11.07 5.47
C ILE A 138 34.28 -12.38 5.59
N GLU A 139 35.29 -12.41 6.45
CA GLU A 139 36.13 -13.60 6.52
C GLU A 139 35.53 -14.77 7.30
N ARG A 140 34.36 -14.57 7.91
CA ARG A 140 33.62 -15.67 8.53
C ARG A 140 32.63 -16.28 7.52
N MET A 141 32.45 -15.62 6.39
CA MET A 141 31.50 -16.06 5.38
C MET A 141 32.12 -17.04 4.40
N ALA A 142 31.41 -18.12 4.12
CA ALA A 142 31.86 -19.03 3.09
C ALA A 142 32.29 -18.22 1.87
N LEU A 143 31.61 -17.10 1.66
CA LEU A 143 31.77 -16.31 0.43
C LEU A 143 31.32 -14.87 0.68
N PRO A 144 32.13 -13.89 0.27
CA PRO A 144 31.74 -12.50 0.48
C PRO A 144 30.54 -12.15 -0.39
N PRO A 145 29.67 -11.22 0.07
CA PRO A 145 28.46 -10.85 -0.66
C PRO A 145 28.75 -10.44 -2.10
N CYS A 146 28.06 -11.04 -3.06
CA CYS A 146 28.20 -10.64 -4.45
CA CYS A 146 28.21 -10.64 -4.45
C CYS A 146 27.26 -9.48 -4.77
N HIS A 147 25.96 -9.71 -4.61
CA HIS A 147 25.02 -8.60 -4.67
C HIS A 147 25.05 -7.98 -3.27
N ALA A 148 25.86 -6.94 -3.11
CA ALA A 148 26.34 -6.55 -1.79
C ALA A 148 25.52 -5.49 -1.05
N PHE A 149 24.73 -4.73 -1.79
CA PHE A 149 24.27 -3.45 -1.31
C PHE A 149 23.08 -3.00 -2.17
N PHE A 150 22.00 -2.51 -1.55
CA PHE A 150 20.89 -1.97 -2.35
C PHE A 150 20.11 -0.84 -1.70
N GLN A 151 19.40 -0.08 -2.53
CA GLN A 151 18.75 1.14 -2.07
C GLN A 151 17.42 1.26 -2.74
N PHE A 152 16.47 1.87 -2.04
CA PHE A 152 15.14 2.13 -2.58
C PHE A 152 14.89 3.61 -2.79
N TYR A 153 13.88 3.91 -3.60
CA TYR A 153 13.56 5.29 -3.98
C TYR A 153 12.11 5.36 -4.37
N VAL A 154 11.43 6.41 -3.92
CA VAL A 154 10.01 6.59 -4.20
C VAL A 154 9.75 7.87 -5.02
N ALA A 155 8.92 7.76 -6.04
CA ALA A 155 8.65 8.89 -6.91
C ALA A 155 7.25 8.71 -7.48
N ASP A 156 6.35 9.63 -7.16
CA ASP A 156 4.96 9.51 -7.55
C ASP A 156 4.35 8.18 -7.09
N GLY A 157 4.66 7.78 -5.87
CA GLY A 157 4.14 6.54 -5.32
C GLY A 157 4.54 5.28 -6.07
N ARG A 158 5.75 5.27 -6.61
CA ARG A 158 6.30 4.14 -7.36
C ARG A 158 7.68 3.79 -6.80
N LEU A 159 7.86 2.53 -6.43
CA LEU A 159 9.09 2.12 -5.75
C LEU A 159 10.15 1.64 -6.73
N SER A 160 11.31 2.30 -6.69
CA SER A 160 12.46 1.85 -7.46
C SER A 160 13.49 1.24 -6.56
N CYS A 161 14.34 0.41 -7.15
CA CYS A 161 15.39 -0.23 -6.39
C CYS A 161 16.65 -0.27 -7.21
N GLN A 162 17.76 0.20 -6.63
CA GLN A 162 19.03 0.01 -7.31
C GLN A 162 19.89 -0.94 -6.50
N LEU A 163 20.40 -1.97 -7.17
CA LEU A 163 21.28 -2.94 -6.55
C LEU A 163 22.72 -2.72 -7.02
N TYR A 164 23.68 -2.98 -6.14
CA TYR A 164 25.07 -2.94 -6.52
C TYR A 164 25.69 -4.32 -6.35
N GLN A 165 25.98 -4.96 -7.48
CA GLN A 165 26.63 -6.26 -7.48
C GLN A 165 28.10 -6.08 -7.83
N ARG A 166 28.99 -6.51 -6.92
CA ARG A 166 30.43 -6.30 -7.10
C ARG A 166 31.03 -7.25 -8.12
N SER A 167 30.43 -8.44 -8.22
CA SER A 167 30.93 -9.49 -9.09
C SER A 167 29.77 -10.23 -9.75
N ALA A 168 29.82 -10.32 -11.07
CA ALA A 168 28.64 -10.74 -11.81
C ALA A 168 28.92 -11.80 -12.87
N ASP A 169 28.55 -13.03 -12.54
CA ASP A 169 28.58 -14.17 -13.47
C ASP A 169 27.44 -14.00 -14.47
N LEU A 170 27.69 -13.26 -15.54
CA LEU A 170 26.58 -12.79 -16.38
C LEU A 170 25.60 -13.88 -16.84
N PHE A 171 26.12 -15.01 -17.30
CA PHE A 171 25.26 -16.03 -17.89
C PHE A 171 24.47 -16.89 -16.88
N LEU A 172 25.13 -17.32 -15.81
CA LEU A 172 24.48 -18.18 -14.82
C LEU A 172 24.04 -17.45 -13.54
N GLY A 173 24.70 -16.36 -13.20
CA GLY A 173 24.40 -15.65 -11.98
C GLY A 173 23.31 -14.59 -12.14
N VAL A 174 23.60 -13.60 -12.96
CA VAL A 174 22.75 -12.42 -13.09
C VAL A 174 21.28 -12.71 -13.33
N PRO A 175 20.97 -13.64 -14.24
CA PRO A 175 19.56 -13.95 -14.43
C PRO A 175 18.84 -14.18 -13.10
N PHE A 176 19.40 -15.00 -12.21
CA PHE A 176 18.86 -15.19 -10.86
C PHE A 176 18.73 -13.86 -10.10
N ASN A 177 19.81 -13.08 -10.11
CA ASN A 177 19.85 -11.82 -9.41
C ASN A 177 18.78 -10.82 -9.88
N ILE A 178 18.58 -10.73 -11.20
CA ILE A 178 17.54 -9.88 -11.74
C ILE A 178 16.14 -10.26 -11.21
N ALA A 179 15.74 -11.52 -11.41
CA ALA A 179 14.45 -11.97 -10.94
C ALA A 179 14.31 -11.77 -9.44
N SER A 180 15.38 -12.08 -8.72
CA SER A 180 15.37 -12.13 -7.26
C SER A 180 15.00 -10.80 -6.64
N TYR A 181 15.73 -9.77 -7.05
CA TYR A 181 15.51 -8.40 -6.60
C TYR A 181 14.25 -7.82 -7.18
N ALA A 182 13.93 -8.22 -8.42
CA ALA A 182 12.65 -7.88 -9.01
C ALA A 182 11.53 -8.32 -8.08
N LEU A 183 11.64 -9.55 -7.58
CA LEU A 183 10.63 -10.12 -6.67
C LEU A 183 10.59 -9.35 -5.36
N LEU A 184 11.76 -9.13 -4.79
CA LEU A 184 11.87 -8.39 -3.54
C LEU A 184 11.21 -7.02 -3.69
N THR A 185 11.47 -6.38 -4.83
CA THR A 185 10.90 -5.06 -5.08
C THR A 185 9.37 -5.11 -5.12
N HIS A 186 8.82 -6.15 -5.73
CA HIS A 186 7.37 -6.32 -5.69
C HIS A 186 6.84 -6.50 -4.28
N MET A 187 7.62 -7.18 -3.43
CA MET A 187 7.20 -7.48 -2.08
C MET A 187 7.22 -6.24 -1.16
N MET A 188 8.33 -5.52 -1.11
CA MET A 188 8.41 -4.25 -0.40
C MET A 188 7.32 -3.29 -0.86
N ALA A 189 7.13 -3.18 -2.17
CA ALA A 189 6.14 -2.27 -2.72
C ALA A 189 4.75 -2.65 -2.22
N ALA A 190 4.45 -3.94 -2.33
CA ALA A 190 3.18 -4.47 -1.86
C ALA A 190 2.97 -4.16 -0.38
N GLN A 191 4.01 -4.33 0.42
CA GLN A 191 3.89 -4.16 1.87
C GLN A 191 3.81 -2.71 2.29
N ALA A 192 4.22 -1.81 1.40
CA ALA A 192 4.40 -0.41 1.75
C ALA A 192 3.34 0.50 1.14
N GLY A 193 2.46 -0.06 0.32
CA GLY A 193 1.42 0.73 -0.31
C GLY A 193 1.89 1.46 -1.54
N LEU A 194 2.87 0.87 -2.21
CA LEU A 194 3.42 1.49 -3.40
C LEU A 194 3.24 0.65 -4.66
N SER A 195 3.56 1.25 -5.79
CA SER A 195 3.55 0.55 -7.06
C SER A 195 5.01 0.33 -7.49
N VAL A 196 5.23 -0.56 -8.46
CA VAL A 196 6.60 -0.79 -8.92
C VAL A 196 7.07 0.30 -9.91
N GLY A 197 8.30 0.75 -9.71
CA GLY A 197 8.95 1.62 -10.66
C GLY A 197 10.06 0.91 -11.43
N GLU A 198 11.30 1.29 -11.16
CA GLU A 198 12.43 0.77 -11.92
C GLU A 198 13.27 -0.18 -11.12
N PHE A 199 13.87 -1.17 -11.78
CA PHE A 199 14.97 -1.90 -11.18
C PHE A 199 16.27 -1.53 -11.89
N ILE A 200 17.22 -1.03 -11.12
CA ILE A 200 18.51 -0.64 -11.65
C ILE A 200 19.59 -1.58 -11.13
N TRP A 201 20.23 -2.28 -12.06
CA TRP A 201 21.33 -3.19 -11.80
C TRP A 201 22.65 -2.49 -12.11
N THR A 202 23.47 -2.31 -11.08
CA THR A 202 24.81 -1.76 -11.25
C THR A 202 25.90 -2.76 -10.85
N GLY A 203 26.74 -3.11 -11.81
CA GLY A 203 27.72 -4.16 -11.60
C GLY A 203 29.12 -3.64 -11.43
N GLY A 204 29.94 -4.38 -10.70
CA GLY A 204 31.37 -4.11 -10.64
C GLY A 204 32.03 -4.85 -11.78
N ASP A 205 32.68 -5.95 -11.44
CA ASP A 205 33.29 -6.84 -12.42
C ASP A 205 32.22 -7.66 -13.12
N CYS A 206 31.93 -7.32 -14.37
CA CYS A 206 30.91 -8.01 -15.14
C CYS A 206 31.57 -8.97 -16.15
N HIS A 207 31.34 -10.27 -15.97
CA HIS A 207 32.16 -11.26 -16.64
C HIS A 207 31.42 -12.48 -17.19
N ILE A 208 31.75 -12.85 -18.42
CA ILE A 208 31.29 -14.10 -19.01
C ILE A 208 32.38 -15.16 -18.93
N TYR A 209 32.21 -16.16 -18.05
CA TYR A 209 33.22 -17.20 -17.89
C TYR A 209 33.66 -17.83 -19.21
N ASP A 210 34.71 -18.63 -19.15
CA ASP A 210 35.27 -19.25 -20.34
C ASP A 210 34.34 -20.31 -20.95
N ASN A 211 33.86 -21.23 -20.14
CA ASN A 211 32.92 -22.24 -20.59
C ASN A 211 31.76 -21.60 -21.33
N HIS A 212 31.14 -20.66 -20.62
CA HIS A 212 29.86 -20.09 -20.98
C HIS A 212 29.83 -19.36 -22.32
N VAL A 213 30.96 -19.27 -23.02
CA VAL A 213 30.99 -18.48 -24.23
C VAL A 213 30.11 -19.08 -25.32
N GLU A 214 29.88 -20.39 -25.22
CA GLU A 214 29.08 -21.13 -26.19
C GLU A 214 27.63 -21.11 -25.75
N GLN A 215 27.40 -21.52 -24.52
CA GLN A 215 26.08 -21.36 -23.91
C GLN A 215 25.52 -19.98 -24.25
N VAL A 216 26.37 -18.96 -24.22
CA VAL A 216 25.95 -17.57 -24.44
C VAL A 216 25.71 -17.21 -25.90
N ARG A 217 26.47 -17.84 -26.80
CA ARG A 217 26.34 -17.55 -28.23
C ARG A 217 24.94 -17.93 -28.71
N LEU A 218 24.49 -19.09 -28.26
CA LEU A 218 23.13 -19.54 -28.50
C LEU A 218 22.12 -18.51 -27.98
N GLN A 219 22.16 -18.27 -26.67
CA GLN A 219 21.16 -17.38 -26.04
C GLN A 219 21.02 -16.02 -26.72
N LEU A 220 22.07 -15.55 -27.39
CA LEU A 220 22.01 -14.24 -28.06
C LEU A 220 21.36 -14.35 -29.44
N SER A 221 21.23 -15.59 -29.92
CA SER A 221 20.65 -15.83 -31.23
C SER A 221 19.14 -15.91 -31.18
N ARG A 222 18.60 -16.11 -29.97
CA ARG A 222 17.18 -16.29 -29.78
C ARG A 222 16.41 -14.97 -29.71
N GLU A 223 15.19 -14.99 -30.25
CA GLU A 223 14.31 -13.83 -30.19
C GLU A 223 13.57 -13.79 -28.84
N PRO A 224 13.57 -12.60 -28.22
CA PRO A 224 12.99 -12.33 -26.91
C PRO A 224 11.46 -12.29 -26.93
N ARG A 225 10.83 -13.15 -26.14
CA ARG A 225 9.37 -13.18 -26.03
C ARG A 225 8.88 -12.23 -24.93
N PRO A 226 7.60 -11.84 -24.97
CA PRO A 226 7.02 -10.88 -24.01
C PRO A 226 7.14 -11.34 -22.56
N TYR A 227 7.37 -10.40 -21.65
CA TYR A 227 7.65 -10.73 -20.26
C TYR A 227 6.47 -11.30 -19.49
N PRO A 228 6.74 -12.14 -18.50
CA PRO A 228 5.64 -12.68 -17.69
C PRO A 228 5.12 -11.64 -16.68
N LYS A 229 4.09 -12.01 -15.93
CA LYS A 229 3.46 -11.09 -15.00
C LYS A 229 3.59 -11.66 -13.60
N LEU A 230 4.01 -10.84 -12.64
CA LEU A 230 4.16 -11.33 -11.26
C LEU A 230 2.87 -11.06 -10.46
N LEU A 231 2.36 -12.07 -9.76
CA LEU A 231 1.23 -11.85 -8.84
C LEU A 231 1.55 -12.28 -7.42
N LEU A 232 1.01 -11.54 -6.45
CA LEU A 232 1.19 -11.86 -5.05
C LEU A 232 -0.13 -11.98 -4.32
N ALA A 233 -0.18 -12.86 -3.32
CA ALA A 233 -1.35 -12.96 -2.43
C ALA A 233 -1.19 -11.87 -1.38
N ASP A 234 -2.26 -11.59 -0.64
CA ASP A 234 -2.17 -10.64 0.45
C ASP A 234 -1.49 -11.25 1.68
N ARG A 235 -0.59 -10.50 2.30
CA ARG A 235 0.00 -10.89 3.58
C ARG A 235 0.21 -9.68 4.49
N ASP A 236 0.02 -9.86 5.79
CA ASP A 236 0.18 -8.77 6.74
C ASP A 236 1.63 -8.31 6.89
N SER A 237 2.57 -9.10 6.37
CA SER A 237 3.99 -8.87 6.63
C SER A 237 4.89 -9.55 5.61
N ILE A 238 5.93 -8.84 5.16
CA ILE A 238 6.89 -9.42 4.22
C ILE A 238 7.42 -10.79 4.69
N PHE A 239 7.50 -11.00 6.01
CA PHE A 239 8.11 -12.21 6.50
C PHE A 239 7.13 -13.37 6.51
N GLU A 240 5.90 -13.10 6.11
CA GLU A 240 4.88 -14.13 6.08
C GLU A 240 4.63 -14.70 4.67
N TYR A 241 5.16 -14.05 3.64
CA TYR A 241 5.05 -14.61 2.29
C TYR A 241 5.57 -16.03 2.22
N THR A 242 4.87 -16.88 1.48
CA THR A 242 5.35 -18.20 1.17
C THR A 242 5.46 -18.34 -0.32
N TYR A 243 6.19 -19.36 -0.74
CA TYR A 243 6.29 -19.71 -2.15
C TYR A 243 4.91 -19.82 -2.81
N GLU A 244 3.95 -20.40 -2.09
CA GLU A 244 2.58 -20.54 -2.58
C GLU A 244 1.84 -19.20 -2.78
N ASP A 245 2.41 -18.12 -2.27
CA ASP A 245 1.81 -16.79 -2.38
C ASP A 245 2.30 -16.09 -3.63
N ILE A 246 3.10 -16.80 -4.43
CA ILE A 246 3.71 -16.18 -5.59
C ILE A 246 3.25 -16.89 -6.86
N VAL A 247 2.94 -16.10 -7.88
CA VAL A 247 2.59 -16.67 -9.18
C VAL A 247 3.26 -15.92 -10.32
N VAL A 248 3.82 -16.66 -11.25
CA VAL A 248 4.34 -16.07 -12.48
C VAL A 248 3.50 -16.54 -13.67
N LYS A 249 2.83 -15.57 -14.28
CA LYS A 249 1.78 -15.81 -15.26
C LYS A 249 2.32 -15.54 -16.67
N ASN A 250 1.90 -16.36 -17.63
CA ASN A 250 2.26 -16.18 -19.04
C ASN A 250 3.76 -16.07 -19.30
N TYR A 251 4.51 -17.02 -18.75
CA TYR A 251 5.94 -17.11 -18.93
C TYR A 251 6.19 -18.15 -20.01
N ASP A 252 6.72 -17.70 -21.15
CA ASP A 252 6.93 -18.58 -22.29
C ASP A 252 8.40 -18.50 -22.71
N PRO A 253 9.29 -19.16 -21.96
CA PRO A 253 10.72 -18.99 -22.23
C PRO A 253 11.22 -19.94 -23.31
N HIS A 254 12.19 -19.49 -24.09
CA HIS A 254 12.90 -20.39 -24.98
C HIS A 254 13.46 -21.48 -24.09
N PRO A 255 13.91 -22.59 -24.67
CA PRO A 255 14.35 -23.71 -23.82
C PRO A 255 15.58 -23.34 -22.98
N ALA A 256 15.76 -24.06 -21.88
CA ALA A 256 16.87 -23.83 -20.98
C ALA A 256 18.23 -23.96 -21.69
N ILE A 257 19.30 -23.82 -20.91
CA ILE A 257 20.68 -23.97 -21.39
C ILE A 257 21.57 -24.25 -20.18
N LYS A 258 22.06 -25.49 -20.05
CA LYS A 258 22.88 -25.86 -18.89
C LYS A 258 24.33 -25.41 -19.05
N ALA A 259 25.05 -25.38 -17.92
CA ALA A 259 26.44 -24.93 -17.88
C ALA A 259 26.94 -24.94 -16.43
N PRO A 260 28.24 -25.23 -16.23
CA PRO A 260 28.75 -25.39 -14.87
C PRO A 260 29.17 -24.07 -14.24
N MET B 1 -34.21 -10.76 26.44
CA MET B 1 -33.42 -10.38 25.27
C MET B 1 -32.96 -8.93 25.35
N THR B 2 -31.67 -8.75 25.62
CA THR B 2 -31.07 -7.44 25.68
C THR B 2 -29.87 -7.40 24.72
N PRO B 3 -30.18 -7.35 23.42
CA PRO B 3 -29.15 -7.22 22.40
C PRO B 3 -28.27 -6.03 22.70
N TYR B 4 -28.87 -4.91 23.10
CA TYR B 4 -28.09 -3.71 23.35
C TYR B 4 -27.00 -3.98 24.36
N GLU B 5 -27.37 -4.42 25.56
CA GLU B 5 -26.37 -4.64 26.61
C GLU B 5 -25.30 -5.67 26.21
N ASP B 6 -25.69 -6.68 25.46
CA ASP B 6 -24.70 -7.64 24.93
C ASP B 6 -23.65 -6.97 24.04
N LEU B 7 -24.11 -6.16 23.09
CA LEU B 7 -23.21 -5.50 22.15
C LEU B 7 -22.27 -4.57 22.89
N LEU B 8 -22.82 -3.79 23.82
CA LEU B 8 -22.02 -2.90 24.67
C LEU B 8 -20.94 -3.67 25.43
N ARG B 9 -21.31 -4.79 26.03
CA ARG B 9 -20.35 -5.63 26.72
C ARG B 9 -19.29 -6.15 25.73
N PHE B 10 -19.76 -6.55 24.55
CA PHE B 10 -18.90 -7.13 23.53
C PHE B 10 -17.83 -6.14 23.08
N VAL B 11 -18.25 -4.94 22.69
CA VAL B 11 -17.31 -3.92 22.29
C VAL B 11 -16.34 -3.55 23.43
N LEU B 12 -16.87 -3.38 24.65
CA LEU B 12 -16.04 -3.03 25.80
C LEU B 12 -14.88 -4.02 26.04
N GLU B 13 -15.15 -5.30 25.81
CA GLU B 13 -14.15 -6.33 26.08
C GLU B 13 -13.35 -6.81 24.87
N THR B 14 -13.88 -6.63 23.66
CA THR B 14 -13.15 -7.06 22.46
C THR B 14 -12.88 -5.93 21.46
N GLY B 15 -13.40 -4.73 21.73
CA GLY B 15 -13.21 -3.62 20.84
C GLY B 15 -11.74 -3.29 20.64
N THR B 16 -11.42 -2.71 19.49
CA THR B 16 -10.07 -2.27 19.15
C THR B 16 -9.86 -0.80 19.53
N PRO B 17 -8.77 -0.51 20.23
CA PRO B 17 -8.51 0.87 20.67
C PRO B 17 -8.05 1.79 19.54
N LYS B 18 -8.54 3.03 19.52
CA LYS B 18 -8.16 4.02 18.51
C LYS B 18 -8.19 5.44 19.06
N SER B 19 -7.02 6.01 19.33
CA SER B 19 -6.94 7.39 19.80
C SER B 19 -7.20 8.39 18.65
N ASP B 20 -7.93 9.46 18.97
CA ASP B 20 -8.39 10.47 17.99
C ASP B 20 -9.59 9.98 17.17
N GLY B 23 -7.96 14.55 20.20
CA GLY B 23 -7.21 13.38 20.66
C GLY B 23 -7.98 12.43 21.56
N THR B 24 -9.29 12.30 21.34
CA THR B 24 -10.13 11.40 22.13
C THR B 24 -10.11 9.95 21.62
N GLY B 25 -9.99 9.01 22.54
CA GLY B 25 -9.88 7.61 22.19
C GLY B 25 -11.19 6.86 22.20
N THR B 26 -11.20 5.67 21.61
CA THR B 26 -12.35 4.80 21.64
C THR B 26 -11.92 3.35 21.59
N ARG B 27 -12.86 2.46 21.87
CA ARG B 27 -12.76 1.05 21.51
C ARG B 27 -13.86 0.82 20.48
N SER B 28 -13.58 0.03 19.46
CA SER B 28 -14.48 -0.11 18.33
CA SER B 28 -14.52 -0.13 18.36
C SER B 28 -14.53 -1.52 17.76
N LEU B 29 -15.70 -1.90 17.25
CA LEU B 29 -15.89 -3.09 16.45
C LEU B 29 -16.66 -2.62 15.22
N PHE B 30 -16.60 -3.39 14.14
CA PHE B 30 -17.24 -3.02 12.89
C PHE B 30 -18.28 -4.05 12.47
N GLY B 31 -19.43 -3.55 12.02
CA GLY B 31 -20.43 -4.42 11.42
C GLY B 31 -21.18 -5.30 12.41
N GLN B 32 -21.69 -4.71 13.47
CA GLN B 32 -22.48 -5.47 14.41
C GLN B 32 -23.97 -5.28 14.12
N GLN B 33 -24.78 -6.24 14.56
CA GLN B 33 -26.21 -6.20 14.31
C GLN B 33 -27.00 -6.52 15.58
N MET B 34 -28.15 -5.87 15.75
CA MET B 34 -29.01 -6.09 16.90
C MET B 34 -30.42 -6.28 16.39
N ARG B 35 -31.19 -7.08 17.09
CA ARG B 35 -32.54 -7.40 16.66
C ARG B 35 -33.54 -7.24 17.80
N TYR B 36 -34.69 -6.65 17.53
CA TYR B 36 -35.76 -6.50 18.52
C TYR B 36 -37.08 -6.92 17.92
N ASP B 37 -37.85 -7.72 18.67
CA ASP B 37 -39.22 -8.04 18.27
C ASP B 37 -40.08 -6.94 18.83
N LEU B 38 -40.57 -6.05 17.96
CA LEU B 38 -41.34 -4.92 18.41
C LEU B 38 -42.60 -5.35 19.13
N SER B 39 -43.13 -6.52 18.75
CA SER B 39 -44.35 -7.05 19.37
C SER B 39 -44.17 -7.59 20.80
N ALA B 40 -42.91 -7.69 21.24
CA ALA B 40 -42.62 -8.11 22.61
C ALA B 40 -42.33 -6.93 23.54
N GLY B 41 -42.43 -5.73 23.01
CA GLY B 41 -42.24 -4.55 23.85
C GLY B 41 -41.54 -3.44 23.10
N PHE B 42 -41.69 -2.22 23.59
CA PHE B 42 -41.04 -1.06 23.00
C PHE B 42 -39.65 -0.92 23.61
N PRO B 43 -38.62 -1.04 22.75
CA PRO B 43 -37.21 -1.14 23.14
C PRO B 43 -36.62 0.16 23.68
N LEU B 44 -37.27 0.76 24.66
CA LEU B 44 -36.68 1.85 25.40
C LEU B 44 -35.90 1.20 26.50
N LEU B 45 -34.60 1.48 26.57
CA LEU B 45 -33.73 0.76 27.50
C LEU B 45 -34.19 0.92 28.94
N THR B 46 -34.10 -0.17 29.70
CA THR B 46 -34.48 -0.14 31.10
C THR B 46 -33.26 -0.15 32.04
N THR B 47 -32.06 -0.23 31.50
CA THR B 47 -30.84 -0.24 32.32
C THR B 47 -30.27 1.17 32.57
N LYS B 48 -30.87 2.15 31.89
CA LYS B 48 -30.77 3.54 32.32
C LYS B 48 -32.06 4.22 31.84
N LYS B 49 -32.40 5.36 32.43
CA LYS B 49 -33.57 6.11 32.00
C LYS B 49 -33.22 6.91 30.74
N VAL B 50 -33.81 6.53 29.61
CA VAL B 50 -33.51 7.21 28.36
C VAL B 50 -34.48 8.35 28.12
N HIS B 51 -33.96 9.54 27.83
CA HIS B 51 -34.79 10.73 27.67
C HIS B 51 -35.74 10.67 26.47
N PHE B 52 -36.84 9.96 26.65
CA PHE B 52 -37.77 9.73 25.57
C PHE B 52 -38.42 11.02 25.04
N LYS B 53 -38.35 12.08 25.82
CA LYS B 53 -38.85 13.37 25.37
C LYS B 53 -38.05 13.91 24.18
N SER B 54 -36.72 13.99 24.33
CA SER B 54 -35.91 14.48 23.24
C SER B 54 -36.02 13.55 22.04
N VAL B 55 -36.04 12.26 22.30
CA VAL B 55 -36.13 11.28 21.22
C VAL B 55 -37.34 11.55 20.36
N ALA B 56 -38.51 11.64 21.02
CA ALA B 56 -39.78 11.81 20.33
C ALA B 56 -39.83 13.14 19.54
N TYR B 57 -39.47 14.24 20.19
CA TYR B 57 -39.41 15.53 19.49
C TYR B 57 -38.45 15.54 18.31
N GLU B 58 -37.33 14.85 18.44
CA GLU B 58 -36.36 14.81 17.35
C GLU B 58 -37.01 14.16 16.12
N LEU B 59 -37.67 13.03 16.34
CA LEU B 59 -38.40 12.34 15.27
C LEU B 59 -39.45 13.23 14.60
N LEU B 60 -40.24 13.93 15.41
CA LEU B 60 -41.26 14.81 14.84
C LEU B 60 -40.60 15.90 14.01
N TRP B 61 -39.45 16.36 14.51
CA TRP B 61 -38.71 17.41 13.84
C TRP B 61 -38.11 16.94 12.51
N PHE B 62 -37.59 15.71 12.50
CA PHE B 62 -37.14 15.08 11.27
C PHE B 62 -38.28 15.03 10.27
N LEU B 63 -39.46 14.60 10.74
CA LEU B 63 -40.63 14.45 9.88
C LEU B 63 -41.13 15.79 9.32
N ARG B 64 -40.71 16.89 9.91
CA ARG B 64 -41.11 18.20 9.38
C ARG B 64 -40.24 18.61 8.20
N GLY B 65 -39.11 17.92 8.04
CA GLY B 65 -38.20 18.22 6.94
C GLY B 65 -37.50 19.55 7.17
N ASP B 66 -37.22 19.84 8.43
CA ASP B 66 -36.73 21.14 8.85
C ASP B 66 -35.20 21.14 8.99
N SER B 67 -34.56 22.27 8.68
CA SER B 67 -33.11 22.35 8.81
C SER B 67 -32.68 23.26 9.98
N ASN B 68 -33.65 23.92 10.60
CA ASN B 68 -33.37 24.79 11.74
C ASN B 68 -33.72 24.13 13.07
N ILE B 69 -32.89 24.35 14.08
CA ILE B 69 -33.17 23.89 15.44
C ILE B 69 -34.45 24.50 16.02
N GLY B 70 -34.82 25.68 15.51
CA GLY B 70 -35.92 26.47 16.04
C GLY B 70 -37.04 25.71 16.69
N TRP B 71 -37.80 24.96 15.88
CA TRP B 71 -38.95 24.22 16.39
C TRP B 71 -38.50 23.29 17.50
N LEU B 72 -37.34 22.67 17.31
CA LEU B 72 -36.86 21.66 18.26
C LEU B 72 -36.44 22.31 19.57
N HIS B 73 -35.54 23.28 19.45
CA HIS B 73 -35.04 24.01 20.61
C HIS B 73 -36.16 24.67 21.38
N GLU B 74 -37.11 25.24 20.65
CA GLU B 74 -38.14 26.04 21.26
C GLU B 74 -39.02 25.15 22.11
N HIS B 75 -38.98 23.85 21.80
CA HIS B 75 -39.69 22.85 22.58
C HIS B 75 -38.89 22.38 23.79
N GLY B 76 -37.76 23.03 24.03
CA GLY B 76 -36.91 22.70 25.16
C GLY B 76 -35.90 21.60 24.88
N VAL B 77 -35.98 20.98 23.71
CA VAL B 77 -35.03 19.92 23.35
C VAL B 77 -33.75 20.53 22.73
N THR B 78 -32.66 20.48 23.47
CA THR B 78 -31.46 21.24 23.11
C THR B 78 -30.30 20.43 22.52
N ILE B 79 -30.55 19.16 22.22
CA ILE B 79 -29.47 18.26 21.78
C ILE B 79 -28.73 18.70 20.52
N TRP B 80 -29.40 19.46 19.65
CA TRP B 80 -28.75 19.87 18.41
C TRP B 80 -28.14 21.27 18.47
N ASP B 81 -28.35 21.97 19.58
CA ASP B 81 -27.96 23.39 19.67
C ASP B 81 -26.49 23.67 19.42
N GLU B 82 -25.62 22.84 19.98
CA GLU B 82 -24.18 23.04 19.84
C GLU B 82 -23.70 23.02 18.41
N TRP B 83 -24.54 22.57 17.48
CA TRP B 83 -24.09 22.31 16.11
C TRP B 83 -24.62 23.28 15.06
N ALA B 84 -25.53 24.15 15.46
CA ALA B 84 -26.17 25.07 14.52
C ALA B 84 -25.36 26.35 14.31
N SER B 85 -25.68 27.07 13.24
CA SER B 85 -25.04 28.36 12.96
C SER B 85 -25.57 29.44 13.89
N ASP B 86 -25.04 30.66 13.74
CA ASP B 86 -25.52 31.79 14.52
C ASP B 86 -27.04 31.82 14.44
N THR B 87 -27.57 31.54 13.26
CA THR B 87 -29.00 31.61 13.04
C THR B 87 -29.75 30.28 13.29
N GLY B 88 -29.05 29.30 13.87
CA GLY B 88 -29.68 28.03 14.20
C GLY B 88 -29.82 27.09 13.02
N GLU B 89 -28.98 27.26 12.02
CA GLU B 89 -29.05 26.48 10.79
C GLU B 89 -28.07 25.29 10.80
N LEU B 90 -28.56 24.13 10.36
CA LEU B 90 -27.79 22.88 10.43
C LEU B 90 -27.30 22.37 9.07
N GLY B 91 -27.91 22.85 7.99
CA GLY B 91 -27.65 22.30 6.67
C GLY B 91 -28.74 21.30 6.36
N PRO B 92 -28.71 20.71 5.15
CA PRO B 92 -29.74 19.77 4.73
C PRO B 92 -29.52 18.38 5.33
N ILE B 93 -29.59 18.31 6.64
CA ILE B 93 -29.38 17.07 7.38
C ILE B 93 -30.65 16.21 7.33
N TYR B 94 -30.55 15.01 7.89
CA TYR B 94 -31.66 14.06 8.02
C TYR B 94 -32.99 14.45 7.39
N GLY B 95 -33.80 15.18 8.13
CA GLY B 95 -35.17 15.48 7.73
C GLY B 95 -35.36 16.13 6.38
N VAL B 96 -34.39 16.93 5.92
CA VAL B 96 -34.59 17.58 4.63
C VAL B 96 -34.40 16.56 3.50
N GLN B 97 -33.48 15.62 3.71
CA GLN B 97 -33.31 14.49 2.80
C GLN B 97 -34.55 13.61 2.82
N TRP B 98 -35.08 13.33 4.01
CA TRP B 98 -36.27 12.50 4.13
C TRP B 98 -37.45 13.07 3.34
N ARG B 99 -37.69 14.36 3.50
CA ARG B 99 -38.92 14.97 2.99
C ARG B 99 -38.69 15.67 1.66
N SER B 100 -37.46 16.14 1.42
CA SER B 100 -37.20 16.89 0.20
C SER B 100 -35.79 16.66 -0.38
N TRP B 101 -35.56 15.44 -0.88
CA TRP B 101 -34.31 15.12 -1.55
C TRP B 101 -34.27 15.84 -2.89
N PRO B 102 -33.20 16.60 -3.15
CA PRO B 102 -33.12 17.42 -4.37
C PRO B 102 -32.63 16.61 -5.56
N ALA B 103 -33.50 16.41 -6.54
CA ALA B 103 -33.15 15.64 -7.74
C ALA B 103 -32.40 16.50 -8.76
N PRO B 104 -31.68 15.86 -9.68
CA PRO B 104 -30.91 16.59 -10.68
C PRO B 104 -31.80 17.54 -11.49
N SER B 105 -32.99 17.05 -11.83
CA SER B 105 -33.98 17.83 -12.54
C SER B 105 -34.34 19.11 -11.79
N GLY B 106 -34.34 19.03 -10.47
CA GLY B 106 -34.78 20.14 -9.64
C GLY B 106 -36.01 19.82 -8.81
N GLU B 107 -36.70 18.74 -9.13
CA GLU B 107 -37.84 18.29 -8.35
C GLU B 107 -37.40 17.95 -6.93
N HIS B 108 -38.36 17.79 -6.02
CA HIS B 108 -38.04 17.32 -4.66
C HIS B 108 -38.77 16.03 -4.31
N ILE B 109 -38.04 15.08 -3.75
CA ILE B 109 -38.58 13.77 -3.48
C ILE B 109 -38.90 13.60 -2.01
N ASP B 110 -40.16 13.29 -1.72
CA ASP B 110 -40.64 13.03 -0.38
C ASP B 110 -40.56 11.52 -0.06
N GLN B 111 -39.41 11.08 0.41
CA GLN B 111 -39.13 9.66 0.62
C GLN B 111 -40.06 9.02 1.62
N ILE B 112 -40.45 9.80 2.62
CA ILE B 112 -41.37 9.32 3.63
C ILE B 112 -42.74 9.02 3.02
N SER B 113 -43.28 9.98 2.26
CA SER B 113 -44.59 9.79 1.66
C SER B 113 -44.57 8.58 0.72
N ALA B 114 -43.48 8.48 -0.06
CA ALA B 114 -43.28 7.44 -1.06
C ALA B 114 -43.23 6.05 -0.44
N ALA B 115 -42.52 5.94 0.68
CA ALA B 115 -42.43 4.69 1.41
C ALA B 115 -43.80 4.19 1.81
N LEU B 116 -44.61 5.11 2.36
CA LEU B 116 -45.93 4.78 2.83
C LEU B 116 -46.80 4.27 1.67
N ASP B 117 -46.67 4.93 0.53
CA ASP B 117 -47.33 4.49 -0.68
C ASP B 117 -47.05 3.03 -1.01
N LEU B 118 -45.77 2.69 -1.12
CA LEU B 118 -45.38 1.30 -1.35
C LEU B 118 -45.99 0.39 -0.29
N LEU B 119 -45.96 0.83 0.97
CA LEU B 119 -46.51 0.03 2.07
C LEU B 119 -48.00 -0.19 1.90
N ARG B 120 -48.67 0.78 1.30
CA ARG B 120 -50.11 0.66 1.09
C ARG B 120 -50.41 -0.01 -0.25
N THR B 121 -49.65 0.34 -1.29
CA THR B 121 -49.95 -0.12 -2.65
C THR B 121 -49.28 -1.44 -2.98
N ASP B 122 -48.09 -1.65 -2.42
CA ASP B 122 -47.25 -2.74 -2.82
C ASP B 122 -46.29 -3.16 -1.70
N PRO B 123 -46.84 -3.81 -0.67
CA PRO B 123 -46.15 -4.17 0.57
C PRO B 123 -44.99 -5.11 0.32
N ASP B 124 -45.10 -5.93 -0.72
CA ASP B 124 -44.08 -6.95 -0.98
C ASP B 124 -42.82 -6.35 -1.60
N SER B 125 -42.88 -5.07 -1.92
CA SER B 125 -41.81 -4.38 -2.63
C SER B 125 -40.50 -4.50 -1.88
N ARG B 126 -39.42 -4.69 -2.63
CA ARG B 126 -38.11 -4.77 -2.00
C ARG B 126 -37.34 -3.50 -2.20
N ARG B 127 -38.04 -2.44 -2.58
CA ARG B 127 -37.42 -1.14 -2.81
C ARG B 127 -37.88 -0.06 -1.80
N ILE B 128 -38.34 -0.46 -0.61
CA ILE B 128 -38.94 0.51 0.30
C ILE B 128 -37.90 1.15 1.20
N ILE B 129 -37.20 2.10 0.64
CA ILE B 129 -36.01 2.62 1.28
C ILE B 129 -36.11 4.11 1.49
N VAL B 130 -35.47 4.60 2.55
CA VAL B 130 -35.34 6.02 2.82
C VAL B 130 -33.88 6.31 3.16
N SER B 131 -33.26 7.21 2.40
CA SER B 131 -31.84 7.51 2.63
C SER B 131 -31.55 8.99 2.88
N ALA B 132 -30.75 9.25 3.91
CA ALA B 132 -30.25 10.59 4.15
C ALA B 132 -28.80 10.70 3.68
N TRP B 133 -28.30 9.64 3.06
CA TRP B 133 -26.92 9.63 2.56
C TRP B 133 -26.80 10.27 1.17
N ASN B 134 -26.90 11.59 1.13
CA ASN B 134 -26.87 12.31 -0.12
C ASN B 134 -25.46 12.81 -0.37
N VAL B 135 -24.73 12.08 -1.21
CA VAL B 135 -23.29 12.32 -1.37
C VAL B 135 -22.96 13.76 -1.75
N GLY B 136 -23.75 14.33 -2.64
CA GLY B 136 -23.53 15.68 -3.14
C GLY B 136 -23.88 16.81 -2.19
N GLU B 137 -24.60 16.49 -1.11
CA GLU B 137 -25.01 17.52 -0.17
C GLU B 137 -24.40 17.34 1.22
N ILE B 138 -23.76 16.20 1.44
CA ILE B 138 -23.07 15.94 2.70
C ILE B 138 -22.10 17.06 3.03
N GLU B 139 -21.50 17.65 2.00
CA GLU B 139 -20.58 18.74 2.17
C GLU B 139 -21.18 19.97 2.85
N ARG B 140 -22.50 20.11 2.80
CA ARG B 140 -23.14 21.30 3.36
C ARG B 140 -23.85 21.04 4.69
N MET B 141 -23.78 19.82 5.18
CA MET B 141 -24.44 19.48 6.43
C MET B 141 -23.52 19.78 7.60
N ALA B 142 -24.09 20.06 8.77
CA ALA B 142 -23.28 20.37 9.92
C ALA B 142 -22.37 19.18 10.23
N LEU B 143 -22.85 17.99 9.92
CA LEU B 143 -22.06 16.77 10.02
C LEU B 143 -22.81 15.65 9.30
N PRO B 144 -22.06 14.67 8.77
CA PRO B 144 -22.68 13.62 7.93
C PRO B 144 -23.62 12.78 8.77
N PRO B 145 -24.71 12.29 8.17
CA PRO B 145 -25.69 11.52 8.97
C PRO B 145 -25.03 10.30 9.60
N CYS B 146 -25.32 10.04 10.87
CA CYS B 146 -24.84 8.83 11.52
C CYS B 146 -25.77 7.66 11.24
N HIS B 147 -27.08 7.85 11.48
CA HIS B 147 -28.08 6.91 10.97
C HIS B 147 -28.40 7.24 9.49
N ALA B 148 -27.76 6.51 8.59
CA ALA B 148 -27.63 6.93 7.22
C ALA B 148 -28.84 6.61 6.37
N PHE B 149 -29.40 5.43 6.55
CA PHE B 149 -30.51 5.03 5.71
C PHE B 149 -31.25 3.81 6.25
N PHE B 150 -32.52 3.67 5.87
CA PHE B 150 -33.33 2.57 6.38
C PHE B 150 -34.27 1.96 5.34
N GLN B 151 -34.72 0.74 5.65
CA GLN B 151 -35.53 -0.07 4.77
C GLN B 151 -36.64 -0.75 5.55
N PHE B 152 -37.81 -0.86 4.91
CA PHE B 152 -38.99 -1.47 5.47
C PHE B 152 -39.32 -2.77 4.75
N TYR B 153 -39.98 -3.67 5.48
CA TYR B 153 -40.30 -4.99 4.97
C TYR B 153 -41.64 -5.44 5.50
N VAL B 154 -42.42 -6.11 4.66
CA VAL B 154 -43.71 -6.64 5.08
C VAL B 154 -43.82 -8.15 4.84
N ALA B 155 -44.31 -8.86 5.86
CA ALA B 155 -44.62 -10.28 5.77
C ALA B 155 -45.73 -10.65 6.76
N ASP B 156 -46.74 -11.35 6.28
CA ASP B 156 -47.89 -11.71 7.11
C ASP B 156 -48.41 -10.53 7.92
N GLY B 157 -48.53 -9.38 7.26
CA GLY B 157 -49.13 -8.21 7.88
C GLY B 157 -48.32 -7.53 8.97
N ARG B 158 -47.04 -7.91 9.10
CA ARG B 158 -46.17 -7.27 10.07
C ARG B 158 -45.10 -6.40 9.40
N LEU B 159 -44.93 -5.18 9.90
CA LEU B 159 -43.96 -4.25 9.37
C LEU B 159 -42.63 -4.34 10.12
N SER B 160 -41.57 -4.72 9.42
CA SER B 160 -40.24 -4.69 10.00
C SER B 160 -39.45 -3.48 9.47
N CYS B 161 -38.39 -3.14 10.18
CA CYS B 161 -37.51 -2.05 9.77
C CYS B 161 -36.04 -2.35 10.11
N GLN B 162 -35.16 -2.17 9.14
CA GLN B 162 -33.73 -2.24 9.41
C GLN B 162 -33.04 -0.88 9.20
N LEU B 163 -32.26 -0.44 10.18
CA LEU B 163 -31.46 0.78 10.04
C LEU B 163 -30.00 0.43 9.89
N TYR B 164 -29.36 1.10 8.94
CA TYR B 164 -27.91 1.11 8.83
C TYR B 164 -27.33 2.39 9.45
N GLN B 165 -26.47 2.22 10.43
CA GLN B 165 -25.86 3.38 11.08
C GLN B 165 -24.34 3.35 10.89
N ARG B 166 -23.84 4.20 10.00
CA ARG B 166 -22.42 4.24 9.64
C ARG B 166 -21.52 4.42 10.87
N SER B 167 -22.00 5.17 11.85
CA SER B 167 -21.18 5.54 12.98
C SER B 167 -22.03 5.65 14.22
N ALA B 168 -21.62 4.99 15.30
CA ALA B 168 -22.48 4.79 16.44
C ALA B 168 -21.78 5.01 17.77
N ASP B 169 -22.10 6.11 18.42
CA ASP B 169 -21.70 6.33 19.81
C ASP B 169 -22.56 5.37 20.62
N LEU B 170 -21.99 4.23 20.97
CA LEU B 170 -22.72 3.15 21.61
C LEU B 170 -23.39 3.58 22.92
N PHE B 171 -22.71 4.38 23.74
CA PHE B 171 -23.32 4.80 24.99
C PHE B 171 -24.41 5.88 24.88
N LEU B 172 -24.11 6.99 24.20
CA LEU B 172 -25.01 8.14 24.14
C LEU B 172 -25.97 8.10 22.95
N GLY B 173 -25.46 7.69 21.79
CA GLY B 173 -26.20 7.80 20.55
C GLY B 173 -27.21 6.71 20.36
N VAL B 174 -26.75 5.46 20.43
CA VAL B 174 -27.56 4.32 20.02
C VAL B 174 -28.87 4.09 20.77
N PRO B 175 -28.88 4.31 22.11
CA PRO B 175 -30.15 4.23 22.85
C PRO B 175 -31.23 5.12 22.24
N PHE B 176 -30.86 6.33 21.85
CA PHE B 176 -31.78 7.20 21.12
C PHE B 176 -32.22 6.57 19.82
N ASN B 177 -31.25 6.16 19.02
CA ASN B 177 -31.51 5.60 17.71
C ASN B 177 -32.48 4.44 17.75
N ILE B 178 -32.24 3.49 18.66
CA ILE B 178 -33.14 2.36 18.81
C ILE B 178 -34.60 2.81 19.06
N ALA B 179 -34.80 3.66 20.06
CA ALA B 179 -36.15 4.09 20.38
C ALA B 179 -36.70 4.94 19.23
N SER B 180 -35.86 5.77 18.65
CA SER B 180 -36.31 6.64 17.57
C SER B 180 -36.98 5.86 16.45
N TYR B 181 -36.27 4.87 15.94
CA TYR B 181 -36.73 4.16 14.77
C TYR B 181 -37.81 3.14 15.11
N ALA B 182 -37.81 2.69 16.36
CA ALA B 182 -38.91 1.87 16.83
C ALA B 182 -40.20 2.68 16.76
N LEU B 183 -40.13 3.93 17.20
CA LEU B 183 -41.29 4.81 17.17
C LEU B 183 -41.72 5.02 15.74
N LEU B 184 -40.76 5.41 14.90
CA LEU B 184 -41.02 5.64 13.48
C LEU B 184 -41.68 4.43 12.87
N THR B 185 -41.22 3.24 13.26
CA THR B 185 -41.78 2.00 12.72
C THR B 185 -43.24 1.85 13.14
N HIS B 186 -43.51 2.09 14.42
CA HIS B 186 -44.88 2.10 14.95
C HIS B 186 -45.78 3.04 14.20
N MET B 187 -45.26 4.23 13.86
CA MET B 187 -46.04 5.25 13.18
C MET B 187 -46.36 4.82 11.75
N MET B 188 -45.33 4.39 11.02
CA MET B 188 -45.49 3.94 9.65
C MET B 188 -46.46 2.78 9.60
N ALA B 189 -46.38 1.91 10.61
CA ALA B 189 -47.21 0.72 10.67
C ALA B 189 -48.67 1.08 10.86
N ALA B 190 -48.94 2.06 11.71
CA ALA B 190 -50.33 2.50 11.96
C ALA B 190 -50.90 3.17 10.70
N GLN B 191 -50.11 4.00 10.05
CA GLN B 191 -50.53 4.69 8.83
C GLN B 191 -50.72 3.75 7.62
N ALA B 192 -50.16 2.55 7.69
CA ALA B 192 -50.33 1.60 6.60
C ALA B 192 -51.24 0.44 6.98
N GLY B 193 -51.83 0.47 8.16
CA GLY B 193 -52.70 -0.60 8.60
C GLY B 193 -51.99 -1.92 8.89
N LEU B 194 -50.80 -1.87 9.49
CA LEU B 194 -50.05 -3.08 9.77
C LEU B 194 -49.73 -3.26 11.26
N SER B 195 -49.33 -4.48 11.60
CA SER B 195 -48.78 -4.78 12.92
C SER B 195 -47.29 -4.53 12.86
N VAL B 196 -46.68 -4.32 14.01
CA VAL B 196 -45.22 -4.13 14.06
C VAL B 196 -44.48 -5.48 13.99
N GLY B 197 -43.34 -5.46 13.30
CA GLY B 197 -42.55 -6.65 13.11
C GLY B 197 -41.33 -6.60 14.00
N GLU B 198 -40.15 -6.57 13.41
CA GLU B 198 -38.96 -6.42 14.22
C GLU B 198 -38.20 -5.22 13.74
N PHE B 199 -37.49 -4.59 14.67
CA PHE B 199 -36.54 -3.56 14.30
C PHE B 199 -35.17 -4.17 14.32
N ILE B 200 -34.45 -3.98 13.23
CA ILE B 200 -33.10 -4.48 13.11
C ILE B 200 -32.11 -3.31 13.00
N TRP B 201 -31.09 -3.36 13.86
CA TRP B 201 -30.08 -2.33 13.89
C TRP B 201 -28.75 -2.92 13.42
N THR B 202 -28.24 -2.37 12.33
CA THR B 202 -26.94 -2.75 11.80
C THR B 202 -25.97 -1.58 11.86
N GLY B 203 -24.85 -1.77 12.54
CA GLY B 203 -23.87 -0.72 12.69
C GLY B 203 -22.60 -0.90 11.88
N GLY B 204 -22.05 0.21 11.40
CA GLY B 204 -20.75 0.19 10.81
C GLY B 204 -19.73 0.26 11.92
N ASP B 205 -19.21 1.46 12.14
CA ASP B 205 -18.23 1.69 13.16
C ASP B 205 -18.95 1.87 14.51
N CYS B 206 -18.86 0.86 15.35
CA CYS B 206 -19.56 0.82 16.63
C CYS B 206 -18.55 1.03 17.73
N HIS B 207 -18.63 2.15 18.43
CA HIS B 207 -17.55 2.49 19.35
C HIS B 207 -18.04 2.99 20.70
N ILE B 208 -17.21 2.79 21.72
CA ILE B 208 -17.41 3.38 23.03
C ILE B 208 -16.28 4.38 23.28
N TYR B 209 -16.63 5.63 23.61
CA TYR B 209 -15.61 6.64 23.91
C TYR B 209 -14.98 6.34 25.26
N ASP B 210 -13.66 6.56 25.35
CA ASP B 210 -12.89 6.20 26.53
C ASP B 210 -13.41 6.84 27.83
N ASN B 211 -13.96 8.05 27.72
CA ASN B 211 -14.48 8.75 28.89
C ASN B 211 -15.91 8.32 29.18
N HIS B 212 -16.36 7.27 28.51
CA HIS B 212 -17.70 6.76 28.73
C HIS B 212 -17.64 5.43 29.47
N VAL B 213 -16.42 4.96 29.66
CA VAL B 213 -16.18 3.62 30.20
C VAL B 213 -16.85 3.36 31.55
N GLU B 214 -16.60 4.21 32.53
CA GLU B 214 -17.17 4.03 33.86
CA GLU B 214 -17.17 4.00 33.84
C GLU B 214 -18.69 3.99 33.80
N GLN B 215 -19.26 4.93 33.05
CA GLN B 215 -20.69 4.99 32.85
C GLN B 215 -21.20 3.68 32.25
N VAL B 216 -20.40 3.06 31.39
CA VAL B 216 -20.85 1.87 30.68
C VAL B 216 -20.81 0.67 31.61
N ARG B 217 -19.78 0.60 32.41
CA ARG B 217 -19.63 -0.51 33.34
C ARG B 217 -20.75 -0.45 34.36
N LEU B 218 -21.12 0.77 34.77
CA LEU B 218 -22.24 0.95 35.69
C LEU B 218 -23.52 0.40 35.07
N GLN B 219 -23.77 0.69 33.81
CA GLN B 219 -24.99 0.18 33.19
C GLN B 219 -24.96 -1.34 33.10
N LEU B 220 -23.77 -1.89 32.91
CA LEU B 220 -23.63 -3.33 32.69
C LEU B 220 -23.72 -4.12 34.00
N SER B 221 -23.64 -3.43 35.12
CA SER B 221 -23.83 -4.11 36.40
C SER B 221 -25.32 -4.21 36.78
N ARG B 222 -26.18 -3.55 36.00
CA ARG B 222 -27.60 -3.49 36.32
C ARG B 222 -28.42 -4.58 35.63
N GLU B 223 -29.45 -5.07 36.32
CA GLU B 223 -30.34 -6.10 35.81
C GLU B 223 -31.42 -5.51 34.92
N PRO B 224 -31.52 -6.02 33.70
CA PRO B 224 -32.57 -5.57 32.77
C PRO B 224 -33.97 -5.93 33.27
N ARG B 225 -34.94 -5.08 32.97
CA ARG B 225 -36.32 -5.32 33.33
C ARG B 225 -37.12 -5.35 32.02
N PRO B 226 -38.38 -5.80 32.08
CA PRO B 226 -39.21 -5.89 30.88
C PRO B 226 -39.51 -4.51 30.29
N TYR B 227 -39.71 -4.44 28.96
CA TYR B 227 -39.91 -3.17 28.25
C TYR B 227 -41.31 -2.61 28.37
N PRO B 228 -41.44 -1.29 28.16
CA PRO B 228 -42.74 -0.62 28.17
C PRO B 228 -43.55 -1.06 26.98
N LYS B 229 -44.73 -0.48 26.83
CA LYS B 229 -45.53 -0.67 25.62
C LYS B 229 -45.82 0.71 25.05
N LEU B 230 -45.89 0.80 23.73
CA LEU B 230 -46.07 2.09 23.09
C LEU B 230 -47.52 2.20 22.66
N LEU B 231 -48.09 3.39 22.84
CA LEU B 231 -49.45 3.68 22.47
C LEU B 231 -49.50 4.94 21.63
N LEU B 232 -50.20 4.86 20.52
CA LEU B 232 -50.14 5.92 19.55
C LEU B 232 -51.54 6.40 19.23
N ALA B 233 -51.84 7.65 19.59
CA ALA B 233 -53.14 8.22 19.32
C ALA B 233 -53.44 8.18 17.81
N ASP B 234 -54.71 8.34 17.47
CA ASP B 234 -55.17 8.17 16.12
C ASP B 234 -54.88 9.39 15.24
N ARG B 235 -54.24 9.17 14.10
CA ARG B 235 -54.08 10.22 13.10
C ARG B 235 -54.32 9.71 11.69
N ASP B 236 -54.55 10.63 10.76
CA ASP B 236 -54.83 10.29 9.37
C ASP B 236 -53.58 10.50 8.52
N SER B 237 -52.62 11.20 9.09
CA SER B 237 -51.37 11.49 8.40
C SER B 237 -50.20 11.37 9.38
N ILE B 238 -49.18 10.62 8.98
CA ILE B 238 -47.95 10.54 9.75
C ILE B 238 -47.40 11.92 10.10
N PHE B 239 -47.70 12.90 9.26
CA PHE B 239 -47.19 14.25 9.47
C PHE B 239 -48.01 15.06 10.46
N GLU B 240 -49.03 14.45 11.03
CA GLU B 240 -49.86 15.14 11.99
C GLU B 240 -49.75 14.56 13.38
N TYR B 241 -48.78 13.68 13.60
CA TYR B 241 -48.57 13.20 14.96
C TYR B 241 -47.96 14.32 15.77
N THR B 242 -48.29 14.35 17.05
CA THR B 242 -47.77 15.36 17.94
C THR B 242 -47.17 14.65 19.14
N TYR B 243 -46.33 15.35 19.90
CA TYR B 243 -45.77 14.77 21.11
C TYR B 243 -46.88 14.18 21.97
N GLU B 244 -48.02 14.86 21.95
CA GLU B 244 -49.16 14.53 22.82
C GLU B 244 -49.76 13.16 22.51
N ASP B 245 -49.67 12.74 21.26
CA ASP B 245 -50.28 11.49 20.79
C ASP B 245 -49.50 10.27 21.23
N ILE B 246 -48.36 10.49 21.85
CA ILE B 246 -47.39 9.42 22.09
C ILE B 246 -47.37 9.06 23.56
N VAL B 247 -47.59 7.79 23.87
CA VAL B 247 -47.61 7.36 25.26
C VAL B 247 -46.79 6.10 25.47
N VAL B 248 -45.96 6.13 26.52
CA VAL B 248 -45.19 4.96 26.91
C VAL B 248 -45.75 4.43 28.23
N LYS B 249 -46.31 3.22 28.21
CA LYS B 249 -46.85 2.62 29.44
C LYS B 249 -45.84 1.74 30.16
N ASN B 250 -45.79 1.87 31.48
CA ASN B 250 -45.11 0.92 32.31
C ASN B 250 -43.61 0.89 32.07
N TYR B 251 -43.06 2.07 31.78
CA TYR B 251 -41.63 2.23 31.60
C TYR B 251 -40.96 2.37 32.96
N ASP B 252 -40.31 1.30 33.42
CA ASP B 252 -39.77 1.21 34.77
C ASP B 252 -38.23 1.12 34.84
N PRO B 253 -37.54 2.18 34.38
CA PRO B 253 -36.08 2.14 34.22
C PRO B 253 -35.25 2.29 35.49
N HIS B 254 -34.03 1.77 35.45
CA HIS B 254 -33.02 2.11 36.45
C HIS B 254 -32.73 3.60 36.22
N PRO B 255 -32.05 4.25 37.17
CA PRO B 255 -31.75 5.68 37.09
C PRO B 255 -31.00 6.11 35.82
N ALA B 256 -31.26 7.33 35.36
CA ALA B 256 -30.51 7.91 34.25
C ALA B 256 -29.03 7.97 34.59
N ILE B 257 -28.20 8.05 33.56
CA ILE B 257 -26.76 8.18 33.75
C ILE B 257 -26.29 9.40 32.97
N LYS B 258 -25.87 10.41 33.70
CA LYS B 258 -25.49 11.69 33.10
C LYS B 258 -24.26 11.54 32.21
N ALA B 259 -24.37 12.05 30.98
CA ALA B 259 -23.21 12.17 30.10
C ALA B 259 -22.12 12.99 30.77
N PRO B 260 -20.86 12.61 30.53
CA PRO B 260 -19.65 13.31 30.96
C PRO B 260 -19.83 14.82 31.10
N MET C 1 -16.53 -23.96 7.53
CA MET C 1 -17.03 -22.62 7.83
C MET C 1 -17.81 -22.06 6.62
N THR C 2 -19.13 -22.27 6.63
CA THR C 2 -19.96 -21.96 5.49
C THR C 2 -21.05 -20.93 5.80
N PRO C 3 -20.65 -19.68 6.09
CA PRO C 3 -21.58 -18.63 6.49
C PRO C 3 -22.74 -18.48 5.50
N TYR C 4 -22.42 -18.58 4.20
CA TYR C 4 -23.44 -18.45 3.17
C TYR C 4 -24.40 -19.62 3.19
N GLU C 5 -23.86 -20.83 3.19
CA GLU C 5 -24.68 -22.02 3.13
C GLU C 5 -25.62 -22.10 4.35
N ASP C 6 -25.12 -21.76 5.52
CA ASP C 6 -25.97 -21.77 6.70
C ASP C 6 -27.17 -20.84 6.51
N LEU C 7 -26.90 -19.62 6.05
CA LEU C 7 -27.96 -18.65 5.81
C LEU C 7 -28.97 -19.21 4.81
N LEU C 8 -28.44 -19.84 3.76
CA LEU C 8 -29.27 -20.44 2.73
C LEU C 8 -30.23 -21.45 3.34
N ARG C 9 -29.72 -22.22 4.29
CA ARG C 9 -30.49 -23.25 4.94
C ARG C 9 -31.52 -22.64 5.88
N PHE C 10 -31.11 -21.62 6.60
CA PHE C 10 -31.96 -20.94 7.56
C PHE C 10 -33.17 -20.39 6.83
N VAL C 11 -32.95 -19.80 5.66
CA VAL C 11 -34.05 -19.15 4.94
C VAL C 11 -34.97 -20.17 4.28
N LEU C 12 -34.38 -21.19 3.67
CA LEU C 12 -35.16 -22.28 3.11
C LEU C 12 -36.11 -22.86 4.16
N GLU C 13 -35.62 -23.02 5.38
CA GLU C 13 -36.32 -23.76 6.42
C GLU C 13 -37.26 -22.89 7.26
N THR C 14 -37.00 -21.59 7.29
CA THR C 14 -37.63 -20.68 8.23
C THR C 14 -38.35 -19.58 7.48
N GLY C 15 -37.90 -19.36 6.24
CA GLY C 15 -38.39 -18.28 5.43
C GLY C 15 -39.89 -18.23 5.31
N THR C 16 -40.41 -17.01 5.16
CA THR C 16 -41.82 -16.79 5.02
C THR C 16 -42.20 -16.68 3.55
N PRO C 17 -43.14 -17.53 3.11
CA PRO C 17 -43.72 -17.52 1.77
C PRO C 17 -44.11 -16.10 1.39
N LYS C 18 -43.83 -15.68 0.17
CA LYS C 18 -44.14 -14.32 -0.23
C LYS C 18 -44.29 -14.17 -1.73
N SER C 19 -45.01 -13.15 -2.14
CA SER C 19 -45.20 -12.89 -3.57
C SER C 19 -44.21 -11.85 -4.07
N ASP C 20 -44.08 -11.78 -5.38
CA ASP C 20 -42.91 -11.14 -5.97
C ASP C 20 -43.18 -9.88 -6.78
N ARG C 21 -42.30 -9.63 -7.74
CA ARG C 21 -42.47 -8.62 -8.76
C ARG C 21 -42.41 -9.37 -10.09
N THR C 22 -42.34 -10.70 -9.98
CA THR C 22 -42.37 -11.60 -11.13
C THR C 22 -42.92 -12.99 -10.79
N GLY C 23 -44.23 -13.09 -10.55
CA GLY C 23 -44.91 -14.37 -10.42
C GLY C 23 -44.30 -15.45 -9.52
N THR C 24 -43.02 -15.33 -9.22
CA THR C 24 -42.24 -16.38 -8.54
C THR C 24 -42.57 -16.50 -7.04
N GLY C 25 -42.77 -17.75 -6.58
CA GLY C 25 -43.09 -18.00 -5.19
C GLY C 25 -41.91 -18.04 -4.23
N THR C 26 -41.30 -16.87 -4.01
CA THR C 26 -40.13 -16.77 -3.13
C THR C 26 -40.43 -17.14 -1.66
N ARG C 27 -39.41 -17.68 -0.99
CA ARG C 27 -39.41 -17.86 0.47
C ARG C 27 -38.43 -16.82 0.99
N SER C 28 -38.76 -16.16 2.09
CA SER C 28 -37.99 -14.95 2.45
C SER C 28 -37.80 -14.68 3.95
N LEU C 29 -36.69 -14.00 4.26
CA LEU C 29 -36.40 -13.47 5.59
C LEU C 29 -35.89 -12.03 5.45
N PHE C 30 -35.87 -11.28 6.54
CA PHE C 30 -35.43 -9.89 6.49
C PHE C 30 -34.25 -9.63 7.43
N GLY C 31 -33.32 -8.79 6.98
CA GLY C 31 -32.14 -8.42 7.76
C GLY C 31 -31.29 -9.59 8.24
N GLN C 32 -30.65 -10.31 7.30
CA GLN C 32 -29.73 -11.37 7.71
C GLN C 32 -28.29 -10.95 7.42
N GLN C 33 -27.35 -11.49 8.19
CA GLN C 33 -25.94 -11.08 8.11
C GLN C 33 -24.99 -12.27 8.05
N MET C 34 -24.03 -12.22 7.13
CA MET C 34 -22.92 -13.17 7.06
C MET C 34 -21.61 -12.44 7.27
N ARG C 35 -20.57 -13.19 7.62
CA ARG C 35 -19.28 -12.60 7.92
C ARG C 35 -18.17 -13.58 7.49
N TYR C 36 -17.20 -13.06 6.72
CA TYR C 36 -16.05 -13.81 6.23
C TYR C 36 -14.72 -13.19 6.65
N ASP C 37 -13.86 -13.96 7.31
CA ASP C 37 -12.46 -13.55 7.51
C ASP C 37 -11.69 -13.71 6.22
N LEU C 38 -11.37 -12.61 5.57
CA LEU C 38 -10.74 -12.68 4.27
C LEU C 38 -9.31 -13.18 4.36
N SER C 39 -8.69 -13.05 5.53
CA SER C 39 -7.31 -13.52 5.66
C SER C 39 -7.30 -15.04 5.78
N ALA C 40 -8.47 -15.65 5.85
CA ALA C 40 -8.55 -17.09 5.92
C ALA C 40 -8.88 -17.74 4.57
N GLY C 41 -8.98 -16.95 3.51
CA GLY C 41 -9.33 -17.50 2.22
C GLY C 41 -10.38 -16.68 1.50
N PHE C 42 -10.29 -16.69 0.17
CA PHE C 42 -11.21 -15.94 -0.69
C PHE C 42 -12.56 -16.63 -0.77
N PRO C 43 -13.64 -15.92 -0.42
CA PRO C 43 -15.01 -16.47 -0.28
C PRO C 43 -15.68 -16.83 -1.60
N LEU C 44 -14.99 -17.58 -2.46
CA LEU C 44 -15.61 -18.14 -3.66
C LEU C 44 -16.15 -19.53 -3.33
N LEU C 45 -17.48 -19.65 -3.35
CA LEU C 45 -18.17 -20.86 -2.86
C LEU C 45 -17.61 -22.14 -3.46
N THR C 46 -17.55 -23.19 -2.66
CA THR C 46 -17.08 -24.44 -3.21
C THR C 46 -18.17 -25.50 -3.27
N THR C 47 -19.34 -25.17 -2.74
CA THR C 47 -20.46 -26.10 -2.77
C THR C 47 -21.10 -26.15 -4.15
N LYS C 48 -20.78 -25.17 -4.99
CA LYS C 48 -21.11 -25.18 -6.41
C LYS C 48 -20.10 -24.30 -7.13
N LYS C 49 -19.86 -24.53 -8.41
CA LYS C 49 -18.88 -23.71 -9.12
C LYS C 49 -19.46 -22.33 -9.34
N VAL C 50 -18.73 -21.30 -8.93
CA VAL C 50 -19.19 -19.95 -9.21
C VAL C 50 -18.43 -19.37 -10.39
N HIS C 51 -19.14 -18.69 -11.28
CA HIS C 51 -18.50 -18.20 -12.50
C HIS C 51 -17.75 -16.89 -12.28
N PHE C 52 -16.50 -17.01 -11.84
CA PHE C 52 -15.72 -15.85 -11.44
C PHE C 52 -15.41 -14.89 -12.60
N LYS C 53 -15.40 -15.41 -13.81
CA LYS C 53 -15.11 -14.55 -14.96
C LYS C 53 -16.15 -13.45 -15.03
N SER C 54 -17.41 -13.84 -15.00
CA SER C 54 -18.51 -12.88 -14.98
C SER C 54 -18.36 -11.91 -13.81
N VAL C 55 -18.09 -12.45 -12.62
CA VAL C 55 -17.95 -11.65 -11.42
C VAL C 55 -16.88 -10.59 -11.62
N ALA C 56 -15.72 -11.03 -12.05
CA ALA C 56 -14.57 -10.14 -12.16
C ALA C 56 -14.84 -9.09 -13.23
N TYR C 57 -15.27 -9.55 -14.40
CA TYR C 57 -15.51 -8.60 -15.48
C TYR C 57 -16.57 -7.59 -15.05
N GLU C 58 -17.58 -8.06 -14.32
CA GLU C 58 -18.66 -7.16 -13.88
C GLU C 58 -18.14 -6.10 -12.91
N LEU C 59 -17.29 -6.52 -11.97
CA LEU C 59 -16.69 -5.54 -11.08
C LEU C 59 -15.92 -4.46 -11.87
N LEU C 60 -15.10 -4.89 -12.85
CA LEU C 60 -14.24 -3.97 -13.59
C LEU C 60 -15.06 -3.01 -14.44
N TRP C 61 -16.15 -3.53 -14.98
CA TRP C 61 -17.16 -2.75 -15.65
C TRP C 61 -17.74 -1.65 -14.74
N PHE C 62 -18.02 -1.99 -13.47
CA PHE C 62 -18.43 -0.99 -12.49
C PHE C 62 -17.35 0.08 -12.29
N LEU C 63 -16.10 -0.36 -12.17
CA LEU C 63 -14.99 0.56 -11.96
C LEU C 63 -14.71 1.48 -13.18
N ARG C 64 -15.15 1.07 -14.37
CA ARG C 64 -14.96 1.90 -15.56
C ARG C 64 -15.92 3.06 -15.44
N GLY C 65 -17.00 2.86 -14.70
CA GLY C 65 -18.08 3.82 -14.59
C GLY C 65 -19.00 3.64 -15.77
N ASP C 66 -18.90 2.47 -16.37
CA ASP C 66 -19.60 2.10 -17.60
C ASP C 66 -21.08 1.86 -17.32
N SER C 67 -21.94 2.13 -18.31
CA SER C 67 -23.37 1.93 -18.14
C SER C 67 -23.98 1.26 -19.37
N ASN C 68 -23.13 0.82 -20.28
CA ASN C 68 -23.56 0.06 -21.45
C ASN C 68 -23.00 -1.35 -21.30
N ILE C 69 -23.79 -2.33 -21.70
CA ILE C 69 -23.39 -3.72 -21.53
C ILE C 69 -22.42 -4.21 -22.60
N GLY C 70 -22.06 -3.32 -23.52
CA GLY C 70 -21.20 -3.68 -24.64
C GLY C 70 -19.84 -4.22 -24.26
N TRP C 71 -19.19 -3.59 -23.29
CA TRP C 71 -17.85 -4.01 -22.89
C TRP C 71 -17.88 -5.39 -22.25
N LEU C 72 -18.97 -5.71 -21.55
CA LEU C 72 -19.15 -7.05 -21.00
C LEU C 72 -19.25 -8.06 -22.13
N HIS C 73 -20.00 -7.70 -23.17
CA HIS C 73 -20.08 -8.54 -24.37
C HIS C 73 -18.74 -8.77 -25.04
N GLU C 74 -17.95 -7.72 -25.21
CA GLU C 74 -16.61 -7.88 -25.78
C GLU C 74 -15.86 -9.00 -25.08
N HIS C 75 -16.31 -9.36 -23.88
CA HIS C 75 -15.65 -10.40 -23.12
C HIS C 75 -16.57 -11.58 -22.84
N GLY C 76 -17.69 -11.62 -23.57
CA GLY C 76 -18.66 -12.69 -23.46
C GLY C 76 -19.35 -12.85 -22.11
N VAL C 77 -19.61 -11.74 -21.42
CA VAL C 77 -20.34 -11.78 -20.17
C VAL C 77 -21.73 -11.24 -20.42
N THR C 78 -22.74 -12.03 -20.10
CA THR C 78 -24.09 -11.75 -20.60
C THR C 78 -25.14 -11.65 -19.50
N ILE C 79 -24.69 -11.59 -18.25
CA ILE C 79 -25.58 -11.57 -17.09
C ILE C 79 -26.52 -10.35 -17.00
N TRP C 80 -26.25 -9.31 -17.76
CA TRP C 80 -27.06 -8.09 -17.69
C TRP C 80 -27.95 -7.91 -18.92
N ASP C 81 -27.81 -8.83 -19.88
CA ASP C 81 -28.58 -8.81 -21.13
C ASP C 81 -30.05 -8.53 -20.98
N GLU C 82 -30.69 -9.22 -20.03
CA GLU C 82 -32.14 -9.20 -19.94
C GLU C 82 -32.75 -7.81 -19.72
N TRP C 83 -31.94 -6.83 -19.36
CA TRP C 83 -32.45 -5.51 -18.94
C TRP C 83 -31.93 -4.32 -19.76
N ALA C 84 -31.07 -4.57 -20.74
CA ALA C 84 -30.49 -3.48 -21.51
C ALA C 84 -31.36 -3.04 -22.68
N SER C 85 -31.25 -1.76 -23.04
CA SER C 85 -32.02 -1.25 -24.17
C SER C 85 -31.45 -1.79 -25.48
N ASP C 86 -32.12 -1.48 -26.58
CA ASP C 86 -31.66 -1.87 -27.90
C ASP C 86 -30.25 -1.35 -28.18
N THR C 87 -29.89 -0.24 -27.55
CA THR C 87 -28.55 0.32 -27.76
C THR C 87 -27.56 -0.25 -26.74
N GLY C 88 -28.03 -1.16 -25.88
CA GLY C 88 -27.18 -1.80 -24.88
C GLY C 88 -27.09 -1.05 -23.56
N GLU C 89 -27.89 0.00 -23.39
CA GLU C 89 -27.74 0.91 -22.25
C GLU C 89 -28.61 0.51 -21.06
N LEU C 90 -28.14 0.83 -19.85
CA LEU C 90 -28.86 0.43 -18.66
C LEU C 90 -29.31 1.57 -17.76
N GLY C 91 -28.88 2.78 -18.08
CA GLY C 91 -29.17 3.92 -17.21
C GLY C 91 -28.01 4.17 -16.27
N PRO C 92 -28.12 5.19 -15.40
CA PRO C 92 -26.93 5.59 -14.62
C PRO C 92 -26.70 4.70 -13.40
N ILE C 93 -26.57 3.40 -13.61
CA ILE C 93 -26.49 2.41 -12.54
C ILE C 93 -25.17 2.46 -11.78
N TYR C 94 -24.84 1.38 -11.06
CA TYR C 94 -23.67 1.34 -10.17
C TYR C 94 -22.47 2.17 -10.65
N GLY C 95 -21.98 1.87 -11.85
CA GLY C 95 -20.78 2.52 -12.35
C GLY C 95 -20.82 4.04 -12.30
N VAL C 96 -21.88 4.62 -12.85
CA VAL C 96 -21.99 6.05 -12.92
C VAL C 96 -22.07 6.70 -11.54
N GLN C 97 -22.76 6.07 -10.60
CA GLN C 97 -22.81 6.63 -9.25
C GLN C 97 -21.49 6.48 -8.52
N TRP C 98 -20.79 5.37 -8.72
CA TRP C 98 -19.51 5.19 -8.05
C TRP C 98 -18.50 6.26 -8.46
N ARG C 99 -18.44 6.52 -9.76
CA ARG C 99 -17.35 7.31 -10.33
C ARG C 99 -17.69 8.78 -10.53
N SER C 100 -18.99 9.08 -10.57
CA SER C 100 -19.42 10.41 -10.97
C SER C 100 -20.84 10.75 -10.48
N TRP C 101 -21.09 10.54 -9.19
CA TRP C 101 -22.36 10.96 -8.60
C TRP C 101 -22.66 12.45 -8.85
N PRO C 102 -23.78 12.74 -9.50
CA PRO C 102 -24.05 14.12 -9.87
C PRO C 102 -24.64 14.92 -8.71
N ALA C 103 -23.90 15.90 -8.23
CA ALA C 103 -24.32 16.73 -7.10
C ALA C 103 -25.11 17.96 -7.59
N PRO C 104 -25.95 18.53 -6.71
CA PRO C 104 -26.73 19.70 -7.13
C PRO C 104 -25.83 20.91 -7.39
N SER C 105 -24.68 20.99 -6.72
CA SER C 105 -23.75 22.08 -6.97
C SER C 105 -23.14 21.97 -8.37
N GLY C 106 -23.66 21.03 -9.17
CA GLY C 106 -23.10 20.76 -10.49
C GLY C 106 -21.80 19.97 -10.47
N GLU C 107 -21.41 19.48 -9.29
CA GLU C 107 -20.17 18.72 -9.18
C GLU C 107 -20.43 17.23 -9.40
N HIS C 108 -19.42 16.52 -9.89
CA HIS C 108 -19.51 15.08 -10.05
C HIS C 108 -18.49 14.40 -9.15
N ILE C 109 -18.98 13.48 -8.33
CA ILE C 109 -18.16 12.96 -7.25
C ILE C 109 -17.68 11.54 -7.49
N ASP C 110 -16.36 11.40 -7.52
CA ASP C 110 -15.73 10.09 -7.61
C ASP C 110 -15.60 9.49 -6.22
N GLN C 111 -16.63 8.78 -5.77
CA GLN C 111 -16.64 8.14 -4.44
C GLN C 111 -15.53 7.10 -4.25
N ILE C 112 -15.15 6.43 -5.33
CA ILE C 112 -14.13 5.39 -5.25
C ILE C 112 -12.75 5.97 -4.92
N SER C 113 -12.37 7.05 -5.60
CA SER C 113 -11.13 7.75 -5.25
C SER C 113 -11.26 8.46 -3.90
N ALA C 114 -12.43 9.01 -3.61
CA ALA C 114 -12.59 9.66 -2.31
C ALA C 114 -12.33 8.67 -1.16
N ALA C 115 -12.92 7.49 -1.25
CA ALA C 115 -12.71 6.45 -0.25
C ALA C 115 -11.23 6.08 -0.14
N LEU C 116 -10.63 5.84 -1.30
CA LEU C 116 -9.23 5.45 -1.36
C LEU C 116 -8.38 6.47 -0.62
N ASP C 117 -8.61 7.75 -0.91
CA ASP C 117 -7.86 8.81 -0.28
C ASP C 117 -8.04 8.82 1.23
N LEU C 118 -9.25 8.50 1.70
CA LEU C 118 -9.46 8.40 3.14
C LEU C 118 -8.66 7.25 3.72
N LEU C 119 -8.56 6.13 2.99
CA LEU C 119 -7.84 4.99 3.55
C LEU C 119 -6.36 5.29 3.66
N ARG C 120 -5.86 6.11 2.73
CA ARG C 120 -4.46 6.45 2.74
C ARG C 120 -4.15 7.54 3.76
N THR C 121 -5.04 8.53 3.89
CA THR C 121 -4.75 9.72 4.68
C THR C 121 -5.43 9.78 6.05
N ASP C 122 -6.53 9.04 6.20
CA ASP C 122 -7.29 9.05 7.44
C ASP C 122 -8.00 7.74 7.67
N PRO C 123 -7.23 6.67 7.95
CA PRO C 123 -7.76 5.31 7.94
C PRO C 123 -8.79 5.12 9.04
N ASP C 124 -8.85 6.02 10.03
CA ASP C 124 -9.82 5.88 11.10
C ASP C 124 -11.12 6.63 10.87
N SER C 125 -11.23 7.26 9.71
CA SER C 125 -12.46 7.93 9.35
C SER C 125 -13.67 6.99 9.43
N ARG C 126 -14.77 7.51 9.95
CA ARG C 126 -15.99 6.74 10.04
C ARG C 126 -16.92 7.06 8.89
N ARG C 127 -16.41 7.77 7.89
CA ARG C 127 -17.25 8.00 6.71
C ARG C 127 -16.66 7.50 5.40
N ILE C 128 -15.98 6.38 5.45
CA ILE C 128 -15.41 5.82 4.24
C ILE C 128 -16.51 5.00 3.59
N ILE C 129 -17.32 5.71 2.79
CA ILE C 129 -18.58 5.19 2.26
C ILE C 129 -18.77 5.43 0.76
N VAL C 130 -19.25 4.41 0.06
CA VAL C 130 -19.67 4.57 -1.33
C VAL C 130 -21.14 4.17 -1.38
N SER C 131 -21.97 5.00 -2.02
CA SER C 131 -23.39 4.69 -2.16
C SER C 131 -23.82 4.72 -3.62
N ALA C 132 -24.71 3.79 -3.99
CA ALA C 132 -25.31 3.79 -5.31
C ALA C 132 -26.78 4.24 -5.26
N TRP C 133 -27.27 4.56 -4.06
CA TRP C 133 -28.68 4.88 -3.87
C TRP C 133 -28.94 6.40 -4.02
N ASN C 134 -28.98 6.81 -5.28
CA ASN C 134 -29.24 8.20 -5.63
C ASN C 134 -30.73 8.36 -5.86
N VAL C 135 -31.42 8.78 -4.81
CA VAL C 135 -32.87 8.84 -4.82
C VAL C 135 -33.37 9.52 -6.08
N GLY C 136 -32.74 10.64 -6.43
CA GLY C 136 -33.13 11.41 -7.59
C GLY C 136 -32.86 10.83 -8.97
N GLU C 137 -32.15 9.71 -9.06
CA GLU C 137 -31.78 9.14 -10.35
C GLU C 137 -32.30 7.73 -10.54
N ILE C 138 -32.95 7.20 -9.51
CA ILE C 138 -33.25 5.79 -9.52
C ILE C 138 -34.24 5.41 -10.62
N GLU C 139 -35.16 6.32 -10.95
CA GLU C 139 -36.13 6.03 -12.00
C GLU C 139 -35.55 5.99 -13.41
N ARG C 140 -34.33 6.51 -13.59
CA ARG C 140 -33.68 6.36 -14.89
C ARG C 140 -33.06 4.97 -15.05
N MET C 141 -32.81 4.30 -13.92
CA MET C 141 -32.12 3.00 -13.90
C MET C 141 -33.03 1.83 -14.29
N ALA C 142 -32.49 0.89 -15.07
CA ALA C 142 -33.25 -0.29 -15.48
C ALA C 142 -33.82 -1.03 -14.27
N LEU C 143 -33.03 -1.09 -13.19
CA LEU C 143 -33.44 -1.69 -11.92
C LEU C 143 -32.77 -0.85 -10.86
N PRO C 144 -33.41 -0.68 -9.70
CA PRO C 144 -32.72 0.03 -8.62
C PRO C 144 -31.55 -0.81 -8.12
N PRO C 145 -30.50 -0.15 -7.61
CA PRO C 145 -29.29 -0.87 -7.18
C PRO C 145 -29.61 -1.90 -6.10
N CYS C 146 -29.17 -3.14 -6.30
CA CYS C 146 -29.38 -4.17 -5.29
C CYS C 146 -28.31 -4.17 -4.22
N HIS C 147 -27.05 -4.18 -4.64
CA HIS C 147 -25.98 -3.92 -3.68
C HIS C 147 -25.83 -2.40 -3.62
N ALA C 148 -26.45 -1.80 -2.62
CA ALA C 148 -26.78 -0.39 -2.64
C ALA C 148 -25.72 0.51 -2.03
N PHE C 149 -24.93 -0.05 -1.12
CA PHE C 149 -24.23 0.79 -0.15
C PHE C 149 -23.14 0.01 0.56
N PHE C 150 -21.94 0.55 0.63
CA PHE C 150 -20.90 -0.12 1.37
C PHE C 150 -19.99 0.84 2.13
N GLN C 151 -19.33 0.29 3.16
CA GLN C 151 -18.48 1.05 4.05
C GLN C 151 -17.22 0.26 4.34
N PHE C 152 -16.09 0.96 4.35
CA PHE C 152 -14.82 0.38 4.72
C PHE C 152 -14.48 0.75 6.15
N TYR C 153 -13.53 0.02 6.74
CA TYR C 153 -13.14 0.23 8.12
C TYR C 153 -11.76 -0.37 8.33
N VAL C 154 -10.93 0.29 9.14
CA VAL C 154 -9.55 -0.13 9.34
C VAL C 154 -9.20 -0.40 10.81
N ALA C 155 -8.59 -1.55 11.09
CA ALA C 155 -8.02 -1.77 12.42
C ALA C 155 -6.73 -2.57 12.36
N ASP C 156 -5.66 -2.05 12.94
CA ASP C 156 -4.37 -2.73 12.93
C ASP C 156 -3.92 -3.01 11.51
N GLY C 157 -4.11 -2.04 10.63
CA GLY C 157 -3.71 -2.18 9.24
C GLY C 157 -4.48 -3.22 8.47
N ARG C 158 -5.61 -3.69 9.03
CA ARG C 158 -6.51 -4.60 8.30
C ARG C 158 -7.77 -3.88 7.82
N LEU C 159 -8.20 -4.21 6.62
CA LEU C 159 -9.29 -3.52 5.98
C LEU C 159 -10.55 -4.37 5.92
N SER C 160 -11.64 -3.85 6.49
CA SER C 160 -12.92 -4.54 6.43
C SER C 160 -13.93 -3.82 5.56
N CYS C 161 -14.85 -4.58 4.98
CA CYS C 161 -15.90 -3.96 4.18
C CYS C 161 -17.29 -4.51 4.52
N GLN C 162 -18.26 -3.61 4.65
CA GLN C 162 -19.63 -4.06 4.88
C GLN C 162 -20.55 -3.63 3.76
N LEU C 163 -21.22 -4.59 3.15
CA LEU C 163 -22.17 -4.34 2.09
C LEU C 163 -23.62 -4.37 2.60
N TYR C 164 -24.40 -3.36 2.21
CA TYR C 164 -25.84 -3.43 2.44
C TYR C 164 -26.57 -3.80 1.15
N GLN C 165 -27.24 -4.94 1.18
CA GLN C 165 -27.89 -5.43 -0.03
C GLN C 165 -29.40 -5.46 0.24
N ARG C 166 -30.12 -4.52 -0.36
CA ARG C 166 -31.53 -4.32 -0.07
C ARG C 166 -32.35 -5.51 -0.51
N SER C 167 -31.92 -6.17 -1.58
CA SER C 167 -32.63 -7.30 -2.14
C SER C 167 -31.61 -8.38 -2.50
N ALA C 168 -31.93 -9.63 -2.19
CA ALA C 168 -30.93 -10.69 -2.25
C ALA C 168 -31.47 -12.02 -2.80
N ASP C 169 -31.27 -12.21 -4.10
CA ASP C 169 -31.52 -13.48 -4.78
C ASP C 169 -30.50 -14.49 -4.26
N LEU C 170 -30.87 -15.22 -3.21
CA LEU C 170 -29.88 -15.96 -2.43
C LEU C 170 -29.16 -17.06 -3.21
N PHE C 171 -29.84 -17.67 -4.16
CA PHE C 171 -29.20 -18.73 -4.90
C PHE C 171 -28.31 -18.22 -6.03
N LEU C 172 -28.83 -17.32 -6.85
CA LEU C 172 -28.12 -16.87 -8.03
C LEU C 172 -27.22 -15.67 -7.79
N GLY C 173 -27.75 -14.67 -7.08
CA GLY C 173 -27.11 -13.38 -7.00
C GLY C 173 -26.05 -13.26 -5.94
N VAL C 174 -26.37 -13.76 -4.75
CA VAL C 174 -25.56 -13.53 -3.57
C VAL C 174 -24.13 -14.08 -3.67
N PRO C 175 -23.96 -15.30 -4.19
CA PRO C 175 -22.62 -15.82 -4.41
C PRO C 175 -21.77 -14.90 -5.28
N PHE C 176 -22.37 -14.30 -6.30
CA PHE C 176 -21.67 -13.31 -7.11
C PHE C 176 -21.26 -12.13 -6.27
N ASN C 177 -22.24 -11.54 -5.58
CA ASN C 177 -22.01 -10.37 -4.74
C ASN C 177 -20.91 -10.57 -3.72
N ILE C 178 -20.85 -11.76 -3.13
CA ILE C 178 -19.83 -12.05 -2.13
C ILE C 178 -18.43 -11.97 -2.73
N ALA C 179 -18.24 -12.69 -3.82
CA ALA C 179 -16.97 -12.71 -4.54
C ALA C 179 -16.66 -11.32 -5.08
N SER C 180 -17.70 -10.66 -5.58
CA SER C 180 -17.52 -9.32 -6.12
C SER C 180 -16.97 -8.36 -5.07
N TYR C 181 -17.63 -8.28 -3.91
CA TYR C 181 -17.16 -7.36 -2.88
C TYR C 181 -15.87 -7.82 -2.19
N ALA C 182 -15.65 -9.13 -2.13
CA ALA C 182 -14.39 -9.65 -1.61
C ALA C 182 -13.23 -9.26 -2.51
N LEU C 183 -13.44 -9.40 -3.83
CA LEU C 183 -12.47 -8.93 -4.81
C LEU C 183 -12.27 -7.41 -4.68
N LEU C 184 -13.37 -6.66 -4.65
CA LEU C 184 -13.25 -5.22 -4.50
C LEU C 184 -12.43 -4.86 -3.26
N THR C 185 -12.56 -5.63 -2.19
CA THR C 185 -11.83 -5.32 -0.96
C THR C 185 -10.33 -5.60 -1.05
N HIS C 186 -9.95 -6.71 -1.70
CA HIS C 186 -8.55 -6.95 -2.00
C HIS C 186 -7.91 -5.83 -2.83
N MET C 187 -8.64 -5.34 -3.84
CA MET C 187 -8.11 -4.23 -4.68
C MET C 187 -7.92 -2.95 -3.86
N MET C 188 -8.95 -2.53 -3.12
CA MET C 188 -8.84 -1.33 -2.31
C MET C 188 -7.70 -1.49 -1.33
N ALA C 189 -7.57 -2.70 -0.79
CA ALA C 189 -6.57 -2.98 0.21
C ALA C 189 -5.16 -2.90 -0.37
N ALA C 190 -4.97 -3.49 -1.56
CA ALA C 190 -3.68 -3.42 -2.21
C ALA C 190 -3.30 -1.98 -2.53
N GLN C 191 -4.25 -1.20 -3.02
CA GLN C 191 -3.97 0.18 -3.40
C GLN C 191 -3.69 1.07 -2.19
N ALA C 192 -4.18 0.68 -1.02
CA ALA C 192 -4.06 1.50 0.18
C ALA C 192 -2.94 1.08 1.13
N GLY C 193 -2.18 0.04 0.78
CA GLY C 193 -1.09 -0.43 1.62
C GLY C 193 -1.59 -1.11 2.88
N LEU C 194 -2.71 -1.81 2.75
CA LEU C 194 -3.30 -2.54 3.87
C LEU C 194 -3.47 -4.02 3.58
N SER C 195 -3.62 -4.78 4.65
CA SER C 195 -3.99 -6.17 4.57
C SER C 195 -5.51 -6.29 4.65
N VAL C 196 -6.03 -7.49 4.37
CA VAL C 196 -7.48 -7.70 4.47
C VAL C 196 -7.94 -8.19 5.83
N GLY C 197 -9.12 -7.74 6.24
CA GLY C 197 -9.75 -8.21 7.45
C GLY C 197 -11.03 -8.98 7.12
N GLU C 198 -12.18 -8.43 7.52
CA GLU C 198 -13.45 -9.09 7.28
C GLU C 198 -14.27 -8.45 6.20
N PHE C 199 -15.05 -9.28 5.53
CA PHE C 199 -16.13 -8.82 4.70
C PHE C 199 -17.45 -9.13 5.39
N ILE C 200 -18.30 -8.11 5.54
CA ILE C 200 -19.59 -8.34 6.16
C ILE C 200 -20.70 -8.12 5.16
N TRP C 201 -21.54 -9.13 4.97
CA TRP C 201 -22.67 -9.02 4.09
C TRP C 201 -23.94 -8.85 4.91
N THR C 202 -24.69 -7.78 4.63
CA THR C 202 -25.96 -7.51 5.32
C THR C 202 -27.11 -7.33 4.35
N GLY C 203 -28.12 -8.18 4.47
CA GLY C 203 -29.24 -8.20 3.54
C GLY C 203 -30.54 -7.60 4.04
N GLY C 204 -31.34 -7.07 3.12
CA GLY C 204 -32.69 -6.63 3.42
C GLY C 204 -33.60 -7.82 3.23
N ASP C 205 -34.29 -7.83 2.10
CA ASP C 205 -35.08 -8.99 1.73
C ASP C 205 -34.18 -10.09 1.19
N CYS C 206 -33.96 -11.11 2.00
CA CYS C 206 -33.22 -12.30 1.58
C CYS C 206 -34.19 -13.38 1.15
N HIS C 207 -34.16 -13.76 -0.12
CA HIS C 207 -35.15 -14.68 -0.64
C HIS C 207 -34.55 -15.79 -1.47
N ILE C 208 -35.17 -16.95 -1.39
CA ILE C 208 -34.88 -18.05 -2.28
C ILE C 208 -36.08 -18.19 -3.19
N TYR C 209 -35.86 -18.05 -4.50
CA TYR C 209 -36.97 -18.16 -5.44
C TYR C 209 -37.56 -19.55 -5.40
N ASP C 210 -38.88 -19.61 -5.49
CA ASP C 210 -39.61 -20.87 -5.49
C ASP C 210 -38.99 -21.87 -6.45
N ASN C 211 -38.65 -21.38 -7.64
CA ASN C 211 -38.09 -22.24 -8.69
C ASN C 211 -36.56 -22.46 -8.60
N HIS C 212 -36.02 -22.40 -7.38
CA HIS C 212 -34.59 -22.64 -7.15
C HIS C 212 -34.40 -23.66 -6.04
N VAL C 213 -35.51 -24.17 -5.52
CA VAL C 213 -35.47 -24.99 -4.32
C VAL C 213 -34.71 -26.31 -4.45
N GLU C 214 -34.82 -26.98 -5.60
CA GLU C 214 -34.10 -28.24 -5.81
C GLU C 214 -32.60 -27.96 -5.91
N GLN C 215 -32.26 -26.89 -6.61
CA GLN C 215 -30.88 -26.48 -6.70
C GLN C 215 -30.34 -26.22 -5.29
N VAL C 216 -31.12 -25.53 -4.47
CA VAL C 216 -30.65 -25.23 -3.12
C VAL C 216 -30.41 -26.52 -2.33
N ARG C 217 -31.38 -27.42 -2.37
CA ARG C 217 -31.25 -28.69 -1.67
C ARG C 217 -30.03 -29.48 -2.11
N LEU C 218 -29.84 -29.60 -3.42
CA LEU C 218 -28.68 -30.31 -3.95
C LEU C 218 -27.44 -29.67 -3.38
N GLN C 219 -27.38 -28.35 -3.44
CA GLN C 219 -26.19 -27.64 -2.98
C GLN C 219 -26.00 -27.82 -1.48
N LEU C 220 -27.10 -27.84 -0.75
CA LEU C 220 -26.99 -27.95 0.70
C LEU C 220 -26.53 -29.33 1.12
N SER C 221 -26.57 -30.28 0.19
CA SER C 221 -26.17 -31.65 0.49
C SER C 221 -24.70 -31.94 0.17
N ARG C 222 -23.95 -30.89 -0.15
CA ARG C 222 -22.56 -31.04 -0.53
C ARG C 222 -21.63 -30.47 0.54
N GLU C 223 -20.45 -31.07 0.69
CA GLU C 223 -19.45 -30.65 1.68
C GLU C 223 -18.44 -29.63 1.14
N PRO C 224 -18.29 -28.49 1.83
CA PRO C 224 -17.37 -27.44 1.34
C PRO C 224 -15.93 -27.95 1.20
N ARG C 225 -15.13 -27.27 0.37
CA ARG C 225 -13.68 -27.47 0.31
C ARG C 225 -13.02 -26.24 0.92
N PRO C 226 -11.70 -26.27 1.09
CA PRO C 226 -10.93 -25.08 1.51
C PRO C 226 -11.13 -23.93 0.52
N TYR C 227 -11.27 -22.70 1.01
CA TYR C 227 -11.42 -21.58 0.11
C TYR C 227 -10.18 -21.44 -0.74
N PRO C 228 -10.33 -20.85 -1.94
CA PRO C 228 -9.17 -20.58 -2.80
C PRO C 228 -8.37 -19.40 -2.27
N LYS C 229 -7.26 -19.12 -2.93
CA LYS C 229 -6.42 -17.96 -2.63
C LYS C 229 -6.52 -16.97 -3.80
N LEU C 230 -6.55 -15.68 -3.49
CA LEU C 230 -6.69 -14.64 -4.51
C LEU C 230 -5.36 -13.90 -4.67
N LEU C 231 -4.91 -13.74 -5.90
CA LEU C 231 -3.67 -13.05 -6.18
C LEU C 231 -3.84 -11.90 -7.17
N LEU C 232 -3.16 -10.79 -6.90
CA LEU C 232 -3.25 -9.60 -7.74
C LEU C 232 -1.88 -9.18 -8.30
N ALA C 233 -1.86 -8.70 -9.54
CA ALA C 233 -0.68 -8.06 -10.13
C ALA C 233 -0.61 -6.62 -9.64
N ASP C 234 0.58 -6.03 -9.72
CA ASP C 234 0.78 -4.64 -9.35
C ASP C 234 0.18 -3.67 -10.37
N ARG C 235 -0.53 -2.66 -9.87
CA ARG C 235 -1.02 -1.54 -10.68
C ARG C 235 -0.97 -0.26 -9.87
N ASP C 236 -0.77 0.87 -10.50
CA ASP C 236 -0.66 2.10 -9.71
C ASP C 236 -2.00 2.78 -9.48
N SER C 237 -3.07 2.16 -9.97
CA SER C 237 -4.42 2.68 -9.80
C SER C 237 -5.44 1.55 -9.89
N ILE C 238 -6.40 1.57 -8.98
CA ILE C 238 -7.43 0.55 -8.97
C ILE C 238 -8.19 0.56 -10.31
N PHE C 239 -8.22 1.72 -10.96
CA PHE C 239 -8.87 1.86 -12.25
C PHE C 239 -8.06 1.24 -13.39
N GLU C 240 -6.89 0.73 -13.08
CA GLU C 240 -6.06 0.11 -14.10
C GLU C 240 -5.94 -1.41 -14.00
N TYR C 241 -6.61 -2.03 -13.02
CA TYR C 241 -6.69 -3.49 -13.02
C TYR C 241 -7.36 -4.05 -14.27
N THR C 242 -6.90 -5.20 -14.72
CA THR C 242 -7.55 -5.87 -15.84
C THR C 242 -7.83 -7.30 -15.41
N TYR C 243 -8.70 -7.98 -16.15
CA TYR C 243 -9.00 -9.36 -15.85
C TYR C 243 -7.69 -10.09 -15.60
N GLU C 244 -6.76 -9.86 -16.51
CA GLU C 244 -5.52 -10.59 -16.50
C GLU C 244 -4.69 -10.34 -15.23
N ASP C 245 -5.02 -9.30 -14.46
CA ASP C 245 -4.28 -9.00 -13.24
C ASP C 245 -4.73 -9.84 -12.04
N ILE C 246 -5.75 -10.68 -12.25
CA ILE C 246 -6.35 -11.45 -11.17
C ILE C 246 -6.19 -12.97 -11.33
N VAL C 247 -5.64 -13.62 -10.32
CA VAL C 247 -5.60 -15.08 -10.31
C VAL C 247 -6.33 -15.65 -9.10
N VAL C 248 -7.18 -16.64 -9.34
CA VAL C 248 -7.83 -17.38 -8.27
C VAL C 248 -7.19 -18.76 -8.21
N LYS C 249 -6.46 -19.02 -7.13
CA LYS C 249 -5.63 -20.22 -7.07
C LYS C 249 -6.16 -21.26 -6.09
N ASN C 250 -6.15 -22.52 -6.52
CA ASN C 250 -6.65 -23.65 -5.74
C ASN C 250 -8.14 -23.65 -5.44
N TYR C 251 -8.94 -23.50 -6.48
CA TYR C 251 -10.39 -23.51 -6.37
C TYR C 251 -10.89 -24.91 -6.66
N ASP C 252 -11.46 -25.58 -5.67
CA ASP C 252 -11.88 -26.98 -5.79
C ASP C 252 -13.39 -27.14 -5.60
N PRO C 253 -14.20 -26.49 -6.44
CA PRO C 253 -15.65 -26.53 -6.24
C PRO C 253 -16.26 -27.88 -6.62
N HIS C 254 -17.44 -28.19 -6.08
CA HIS C 254 -18.31 -29.20 -6.67
C HIS C 254 -18.87 -28.61 -7.96
N PRO C 255 -19.49 -29.45 -8.82
CA PRO C 255 -19.91 -28.96 -10.15
C PRO C 255 -20.96 -27.83 -10.12
N ALA C 256 -20.97 -27.04 -11.19
CA ALA C 256 -21.94 -25.98 -11.34
C ALA C 256 -23.36 -26.52 -11.21
N ILE C 257 -24.27 -25.69 -10.70
CA ILE C 257 -25.68 -26.02 -10.72
C ILE C 257 -26.40 -24.93 -11.49
N LYS C 258 -27.14 -25.33 -12.53
CA LYS C 258 -27.83 -24.36 -13.39
C LYS C 258 -29.22 -23.93 -12.87
N ALA C 259 -29.62 -22.69 -13.14
CA ALA C 259 -30.94 -22.22 -12.74
C ALA C 259 -31.41 -20.94 -13.48
N PRO C 260 -32.74 -20.76 -13.60
CA PRO C 260 -33.31 -19.62 -14.33
C PRO C 260 -33.37 -18.34 -13.50
N VAL C 261 -33.10 -17.20 -14.12
CA VAL C 261 -33.18 -15.91 -13.43
C VAL C 261 -34.60 -15.33 -13.53
N ALA C 262 -34.97 -14.50 -12.56
CA ALA C 262 -36.27 -13.79 -12.62
C ALA C 262 -36.08 -12.27 -12.75
N MET D 1 34.14 15.07 -23.44
CA MET D 1 32.76 14.86 -23.04
C MET D 1 32.47 15.60 -21.72
N THR D 2 31.20 15.98 -21.51
CA THR D 2 30.83 16.69 -20.28
C THR D 2 29.74 15.94 -19.52
N PRO D 3 30.11 14.82 -18.88
CA PRO D 3 29.15 13.93 -18.23
C PRO D 3 28.52 14.61 -17.02
N TYR D 4 29.30 15.42 -16.30
CA TYR D 4 28.71 16.14 -15.19
C TYR D 4 27.62 17.08 -15.70
N GLU D 5 27.97 17.90 -16.68
CA GLU D 5 27.02 18.88 -17.16
C GLU D 5 25.76 18.25 -17.79
N ASP D 6 25.93 17.14 -18.52
CA ASP D 6 24.80 16.44 -19.12
C ASP D 6 23.83 15.93 -18.06
N LEU D 7 24.36 15.35 -16.99
CA LEU D 7 23.54 14.85 -15.90
C LEU D 7 22.78 15.98 -15.23
N LEU D 8 23.51 17.05 -14.93
CA LEU D 8 22.92 18.26 -14.39
C LEU D 8 21.77 18.81 -15.25
N ARG D 9 22.01 18.95 -16.54
CA ARG D 9 20.98 19.41 -17.45
C ARG D 9 19.82 18.43 -17.42
N PHE D 10 20.14 17.15 -17.45
CA PHE D 10 19.13 16.10 -17.50
C PHE D 10 18.22 16.12 -16.26
N VAL D 11 18.82 16.17 -15.08
CA VAL D 11 18.03 16.25 -13.85
C VAL D 11 17.20 17.53 -13.82
N LEU D 12 17.77 18.63 -14.30
CA LEU D 12 17.06 19.88 -14.22
C LEU D 12 15.82 19.78 -15.09
N GLU D 13 16.04 19.30 -16.31
CA GLU D 13 14.99 19.25 -17.31
C GLU D 13 13.91 18.20 -17.06
N THR D 14 14.30 17.05 -16.49
CA THR D 14 13.36 15.93 -16.33
C THR D 14 13.13 15.44 -14.89
N GLY D 15 13.80 16.06 -13.92
CA GLY D 15 13.72 15.60 -12.55
C GLY D 15 12.35 15.75 -11.93
N THR D 16 12.06 14.93 -10.92
CA THR D 16 10.77 14.97 -10.23
C THR D 16 10.83 15.87 -9.00
N PRO D 17 9.93 16.85 -8.90
CA PRO D 17 9.85 17.72 -7.70
C PRO D 17 9.60 16.90 -6.44
N LYS D 18 10.38 17.16 -5.41
CA LYS D 18 10.39 16.29 -4.24
C LYS D 18 10.68 17.07 -2.96
N SER D 19 10.21 16.54 -1.84
CA SER D 19 10.53 17.11 -0.53
C SER D 19 11.80 16.47 -0.02
N ASP D 20 12.39 17.03 1.03
CA ASP D 20 13.60 16.45 1.60
C ASP D 20 13.80 16.75 3.09
N ARG D 21 14.82 16.13 3.68
CA ARG D 21 15.21 16.34 5.08
C ARG D 21 15.56 17.80 5.42
N THR D 22 16.18 18.49 4.47
CA THR D 22 16.71 19.84 4.69
C THR D 22 15.66 20.96 4.62
N GLY D 23 14.40 20.61 4.34
CA GLY D 23 13.34 21.59 4.31
C GLY D 23 13.35 22.55 3.12
N THR D 24 14.29 22.34 2.21
CA THR D 24 14.32 23.07 0.96
C THR D 24 13.45 22.30 -0.03
N GLY D 25 13.67 22.47 -1.32
CA GLY D 25 13.00 21.64 -2.31
C GLY D 25 14.00 21.04 -3.29
N THR D 26 13.58 20.02 -4.03
CA THR D 26 14.46 19.38 -5.03
C THR D 26 13.74 18.89 -6.30
N ARG D 27 14.48 18.89 -7.40
CA ARG D 27 14.20 18.06 -8.56
C ARG D 27 15.12 16.86 -8.37
N SER D 28 14.62 15.66 -8.59
CA SER D 28 15.39 14.45 -8.31
CA SER D 28 15.45 14.48 -8.36
C SER D 28 15.25 13.40 -9.40
N LEU D 29 16.33 12.65 -9.64
CA LEU D 29 16.29 11.41 -10.42
C LEU D 29 17.05 10.33 -9.65
N PHE D 30 16.78 9.06 -9.96
CA PHE D 30 17.39 7.96 -9.24
C PHE D 30 18.18 7.08 -10.21
N GLY D 31 19.37 6.66 -9.80
CA GLY D 31 20.16 5.76 -10.60
C GLY D 31 20.72 6.37 -11.87
N GLN D 32 21.75 7.19 -11.71
CA GLN D 32 22.38 7.83 -12.84
C GLN D 32 23.88 7.59 -12.75
N GLN D 33 24.54 7.56 -13.90
CA GLN D 33 25.91 7.14 -13.98
C GLN D 33 26.78 8.08 -14.81
N MET D 34 27.85 8.59 -14.19
CA MET D 34 28.84 9.39 -14.89
C MET D 34 30.09 8.55 -15.08
N ARG D 35 30.78 8.75 -16.19
CA ARG D 35 31.97 7.97 -16.50
C ARG D 35 33.09 8.91 -16.94
N TYR D 36 34.29 8.70 -16.43
CA TYR D 36 35.43 9.54 -16.76
C TYR D 36 36.63 8.71 -17.09
N ASP D 37 37.28 9.04 -18.20
CA ASP D 37 38.51 8.38 -18.60
C ASP D 37 39.67 9.22 -18.05
N LEU D 38 40.22 8.77 -16.93
CA LEU D 38 41.18 9.55 -16.18
C LEU D 38 42.47 9.83 -16.96
N SER D 39 42.73 9.03 -18.00
CA SER D 39 43.90 9.24 -18.84
C SER D 39 43.74 10.43 -19.80
N ALA D 40 42.48 10.84 -20.03
CA ALA D 40 42.23 12.02 -20.82
C ALA D 40 42.21 13.31 -19.99
N GLY D 41 42.46 13.21 -18.69
CA GLY D 41 42.46 14.42 -17.89
C GLY D 41 41.80 14.33 -16.54
N PHE D 42 42.22 15.20 -15.64
CA PHE D 42 41.75 15.14 -14.26
C PHE D 42 40.44 15.91 -14.17
N PRO D 43 39.38 15.25 -13.69
CA PRO D 43 38.03 15.81 -13.84
C PRO D 43 37.71 16.87 -12.79
N LEU D 44 38.55 17.90 -12.71
CA LEU D 44 38.25 19.08 -11.94
C LEU D 44 37.43 20.03 -12.82
N LEU D 45 36.14 20.21 -12.49
CA LEU D 45 35.23 20.90 -13.42
C LEU D 45 35.77 22.25 -13.91
N THR D 46 35.44 22.61 -15.14
CA THR D 46 35.90 23.87 -15.73
C THR D 46 34.78 24.87 -16.00
N THR D 47 33.54 24.44 -15.86
CA THR D 47 32.39 25.34 -16.02
C THR D 47 32.10 26.11 -14.74
N LYS D 48 32.87 25.82 -13.71
CA LYS D 48 32.98 26.71 -12.55
C LYS D 48 34.31 26.42 -11.87
N LYS D 49 34.80 27.36 -11.07
CA LYS D 49 36.00 27.08 -10.32
C LYS D 49 35.68 26.23 -9.12
N VAL D 50 36.33 25.05 -9.06
CA VAL D 50 36.25 24.18 -7.90
C VAL D 50 37.51 24.37 -7.04
N HIS D 51 37.32 24.55 -5.74
CA HIS D 51 38.43 24.85 -4.85
C HIS D 51 39.16 23.57 -4.48
N PHE D 52 40.23 23.29 -5.21
CA PHE D 52 40.92 22.01 -5.10
C PHE D 52 41.61 21.83 -3.75
N LYS D 53 42.16 22.91 -3.21
CA LYS D 53 42.77 22.86 -1.89
C LYS D 53 41.83 22.18 -0.90
N SER D 54 40.54 22.53 -0.95
CA SER D 54 39.57 21.94 -0.03
C SER D 54 39.31 20.48 -0.36
N VAL D 55 39.12 20.17 -1.64
CA VAL D 55 38.92 18.78 -2.02
C VAL D 55 40.08 17.94 -1.51
N ALA D 56 41.30 18.43 -1.75
CA ALA D 56 42.50 17.68 -1.44
C ALA D 56 42.70 17.49 0.06
N TYR D 57 42.51 18.55 0.83
CA TYR D 57 42.67 18.44 2.27
C TYR D 57 41.60 17.56 2.93
N GLU D 58 40.37 17.62 2.43
CA GLU D 58 39.34 16.72 2.89
C GLU D 58 39.78 15.27 2.69
N LEU D 59 40.30 14.97 1.50
CA LEU D 59 40.77 13.64 1.19
C LEU D 59 41.89 13.20 2.13
N LEU D 60 42.88 14.07 2.33
CA LEU D 60 44.01 13.69 3.18
C LEU D 60 43.54 13.44 4.63
N TRP D 61 42.39 14.01 4.95
CA TRP D 61 41.85 14.00 6.30
C TRP D 61 41.09 12.68 6.50
N PHE D 62 40.36 12.27 5.48
CA PHE D 62 39.76 10.95 5.45
C PHE D 62 40.85 9.90 5.68
N LEU D 63 41.94 10.04 4.94
CA LEU D 63 43.00 9.04 4.94
C LEU D 63 43.64 8.93 6.33
N ARG D 64 43.59 9.99 7.11
CA ARG D 64 44.17 9.96 8.45
C ARG D 64 43.28 9.22 9.44
N GLY D 65 42.05 8.92 9.04
CA GLY D 65 41.11 8.23 9.91
C GLY D 65 40.48 9.19 10.90
N ASP D 66 40.48 10.47 10.55
CA ASP D 66 40.17 11.56 11.47
C ASP D 66 38.70 11.98 11.38
N SER D 67 38.05 12.19 12.53
CA SER D 67 36.64 12.59 12.54
C SER D 67 36.42 13.91 13.26
N ASN D 68 37.50 14.57 13.61
CA ASN D 68 37.47 15.91 14.20
C ASN D 68 38.00 16.97 13.21
N ILE D 69 37.22 18.03 13.02
CA ILE D 69 37.52 19.05 12.02
C ILE D 69 38.76 19.92 12.31
N GLY D 70 39.36 19.73 13.48
CA GLY D 70 40.51 20.52 13.89
C GLY D 70 41.68 20.58 12.92
N TRP D 71 42.03 19.44 12.35
CA TRP D 71 43.10 19.38 11.35
C TRP D 71 42.71 20.14 10.08
N LEU D 72 41.45 20.02 9.66
CA LEU D 72 40.94 20.79 8.53
C LEU D 72 41.03 22.30 8.73
N HIS D 73 40.79 22.76 9.95
CA HIS D 73 40.92 24.17 10.28
C HIS D 73 42.38 24.59 10.30
N GLU D 74 43.24 23.70 10.77
CA GLU D 74 44.66 23.93 10.73
C GLU D 74 45.12 24.29 9.33
N HIS D 75 44.29 23.97 8.33
CA HIS D 75 44.63 24.23 6.93
C HIS D 75 43.58 25.07 6.21
N GLY D 76 42.74 25.74 6.99
CA GLY D 76 41.83 26.75 6.46
C GLY D 76 40.56 26.21 5.85
N VAL D 77 40.37 24.90 5.91
CA VAL D 77 39.21 24.26 5.29
C VAL D 77 38.08 24.23 6.28
N THR D 78 36.91 24.70 5.89
CA THR D 78 35.80 24.89 6.84
C THR D 78 34.50 24.22 6.41
N ILE D 79 34.55 23.46 5.32
CA ILE D 79 33.36 22.89 4.69
C ILE D 79 32.54 21.92 5.55
N TRP D 80 33.14 21.39 6.61
CA TRP D 80 32.43 20.47 7.49
C TRP D 80 31.95 21.15 8.78
N ASP D 81 32.22 22.45 8.90
CA ASP D 81 31.93 23.18 10.14
C ASP D 81 30.53 23.04 10.75
N GLU D 82 29.50 23.06 9.93
CA GLU D 82 28.15 23.12 10.50
C GLU D 82 27.50 21.75 10.75
N TRP D 83 28.29 20.78 11.17
CA TRP D 83 27.76 19.46 11.44
C TRP D 83 28.47 18.89 12.64
N ALA D 84 29.59 19.54 12.97
CA ALA D 84 30.41 19.10 14.09
C ALA D 84 29.80 19.51 15.42
N SER D 85 30.03 18.69 16.44
CA SER D 85 29.70 19.04 17.82
C SER D 85 30.49 20.27 18.20
N ASP D 86 30.32 20.70 19.44
CA ASP D 86 30.99 21.90 19.90
C ASP D 86 32.45 21.65 20.14
N THR D 87 32.83 20.39 20.05
CA THR D 87 34.23 20.03 20.22
C THR D 87 34.85 19.72 18.86
N GLY D 88 34.09 19.96 17.80
CA GLY D 88 34.56 19.73 16.46
C GLY D 88 34.47 18.28 16.02
N GLU D 89 33.66 17.50 16.74
CA GLU D 89 33.53 16.08 16.48
C GLU D 89 32.38 15.76 15.53
N LEU D 90 32.59 14.85 14.60
CA LEU D 90 31.52 14.47 13.68
C LEU D 90 31.00 13.05 13.85
N GLY D 91 31.63 12.28 14.73
CA GLY D 91 31.25 10.88 14.85
C GLY D 91 32.13 10.02 13.96
N PRO D 92 31.87 8.71 13.93
CA PRO D 92 32.74 7.78 13.21
C PRO D 92 32.49 7.79 11.71
N ILE D 93 32.73 8.92 11.04
CA ILE D 93 32.40 9.05 9.63
C ILE D 93 33.56 8.65 8.70
N TYR D 94 33.29 8.70 7.40
CA TYR D 94 34.24 8.33 6.35
C TYR D 94 35.58 7.69 6.76
N GLY D 95 36.57 8.51 7.10
CA GLY D 95 37.90 8.00 7.36
C GLY D 95 37.94 6.93 8.42
N VAL D 96 37.15 7.13 9.45
CA VAL D 96 37.08 6.22 10.57
C VAL D 96 36.59 4.86 10.11
N GLN D 97 35.70 4.84 9.13
CA GLN D 97 35.32 3.59 8.51
C GLN D 97 36.41 3.08 7.55
N TRP D 98 37.04 3.98 6.80
CA TRP D 98 38.12 3.56 5.92
C TRP D 98 39.30 2.93 6.67
N ARG D 99 39.75 3.57 7.74
CA ARG D 99 41.00 3.15 8.38
C ARG D 99 40.79 2.16 9.53
N SER D 100 39.62 2.24 10.15
CA SER D 100 39.38 1.44 11.37
C SER D 100 37.91 1.08 11.63
N TRP D 101 37.29 0.43 10.65
CA TRP D 101 35.94 -0.10 10.81
C TRP D 101 35.97 -1.16 11.92
N PRO D 102 35.23 -0.92 13.02
CA PRO D 102 35.24 -1.81 14.17
C PRO D 102 34.43 -3.11 13.98
N ALA D 103 35.13 -4.24 13.95
CA ALA D 103 34.52 -5.56 13.79
C ALA D 103 33.80 -6.03 15.06
N PRO D 104 33.00 -7.11 14.95
CA PRO D 104 32.29 -7.59 16.12
C PRO D 104 33.21 -7.92 17.31
N SER D 105 34.43 -8.33 17.01
CA SER D 105 35.38 -8.71 18.04
C SER D 105 36.00 -7.49 18.68
N GLY D 106 35.73 -6.31 18.11
CA GLY D 106 36.27 -5.05 18.59
C GLY D 106 37.34 -4.46 17.67
N GLU D 107 38.03 -5.32 16.93
CA GLU D 107 39.20 -4.90 16.16
C GLU D 107 38.90 -3.95 15.01
N HIS D 108 39.78 -2.97 14.81
CA HIS D 108 39.65 -2.02 13.74
C HIS D 108 40.24 -2.55 12.43
N ILE D 109 39.39 -2.58 11.41
CA ILE D 109 39.78 -3.02 10.07
C ILE D 109 40.23 -1.87 9.18
N ASP D 110 41.48 -1.94 8.72
CA ASP D 110 42.04 -0.92 7.87
C ASP D 110 41.78 -1.27 6.42
N GLN D 111 40.71 -0.72 5.84
CA GLN D 111 40.27 -1.11 4.50
C GLN D 111 41.14 -0.57 3.37
N ILE D 112 41.59 0.69 3.52
CA ILE D 112 42.52 1.31 2.58
C ILE D 112 43.78 0.48 2.43
N SER D 113 44.39 0.07 3.54
CA SER D 113 45.57 -0.80 3.51
C SER D 113 45.23 -2.15 2.89
N ALA D 114 44.07 -2.68 3.27
CA ALA D 114 43.63 -3.97 2.77
C ALA D 114 43.54 -3.91 1.24
N ALA D 115 43.04 -2.78 0.75
CA ALA D 115 42.79 -2.62 -0.68
C ALA D 115 44.08 -2.55 -1.49
N LEU D 116 44.99 -1.67 -1.06
CA LEU D 116 46.30 -1.58 -1.68
C LEU D 116 46.90 -2.95 -1.86
N ASP D 117 46.96 -3.67 -0.74
CA ASP D 117 47.40 -5.06 -0.70
C ASP D 117 46.84 -5.89 -1.84
N LEU D 118 45.52 -6.00 -1.88
CA LEU D 118 44.84 -6.74 -2.94
C LEU D 118 45.27 -6.25 -4.32
N LEU D 119 45.56 -4.95 -4.44
CA LEU D 119 45.99 -4.41 -5.72
C LEU D 119 47.41 -4.82 -6.07
N ARG D 120 48.30 -4.80 -5.07
CA ARG D 120 49.70 -5.12 -5.30
C ARG D 120 49.91 -6.62 -5.46
N THR D 121 48.96 -7.39 -4.94
CA THR D 121 49.14 -8.80 -4.67
C THR D 121 48.16 -9.70 -5.43
N ASP D 122 47.01 -9.13 -5.77
CA ASP D 122 45.96 -9.89 -6.45
C ASP D 122 45.02 -8.96 -7.18
N PRO D 123 45.52 -8.29 -8.22
CA PRO D 123 44.85 -7.24 -9.02
C PRO D 123 43.56 -7.70 -9.66
N ASP D 124 43.41 -9.01 -9.84
CA ASP D 124 42.24 -9.52 -10.55
C ASP D 124 41.05 -9.69 -9.60
N SER D 125 41.33 -9.65 -8.30
CA SER D 125 40.31 -9.85 -7.29
C SER D 125 39.08 -8.98 -7.53
N ARG D 126 37.92 -9.54 -7.23
CA ARG D 126 36.66 -8.82 -7.35
C ARG D 126 36.15 -8.38 -5.99
N ARG D 127 37.05 -8.26 -5.03
CA ARG D 127 36.63 -7.96 -3.67
C ARG D 127 37.37 -6.74 -3.18
N ILE D 128 37.90 -5.97 -4.12
CA ILE D 128 38.64 -4.77 -3.76
C ILE D 128 37.67 -3.62 -3.47
N ILE D 129 37.21 -3.60 -2.23
CA ILE D 129 36.09 -2.77 -1.81
C ILE D 129 36.37 -2.05 -0.50
N VAL D 130 35.98 -0.79 -0.44
CA VAL D 130 36.03 -0.02 0.80
C VAL D 130 34.65 0.53 1.07
N SER D 131 34.14 0.24 2.27
CA SER D 131 32.80 0.67 2.64
C SER D 131 32.76 1.62 3.83
N ALA D 132 31.98 2.70 3.70
CA ALA D 132 31.74 3.65 4.80
C ALA D 132 30.40 3.36 5.44
N TRP D 133 29.59 2.54 4.78
CA TRP D 133 28.25 2.29 5.30
C TRP D 133 28.25 1.19 6.38
N ASN D 134 28.65 1.59 7.57
CA ASN D 134 28.62 0.72 8.74
C ASN D 134 27.25 0.84 9.37
N VAL D 135 26.36 -0.09 9.03
CA VAL D 135 25.00 -0.13 9.57
C VAL D 135 25.07 0.03 11.08
N GLY D 136 26.04 -0.66 11.67
CA GLY D 136 26.24 -0.63 13.11
C GLY D 136 26.47 0.74 13.68
N GLU D 137 27.02 1.66 12.90
CA GLU D 137 27.49 2.91 13.50
C GLU D 137 26.87 4.19 12.95
N ILE D 138 25.94 4.06 12.01
CA ILE D 138 25.39 5.20 11.28
C ILE D 138 24.69 6.23 12.17
N GLU D 139 23.90 5.74 13.12
CA GLU D 139 23.26 6.59 14.11
C GLU D 139 24.30 7.44 14.84
N ARG D 140 25.47 6.85 15.06
CA ARG D 140 26.56 7.56 15.73
C ARG D 140 27.19 8.66 14.89
N MET D 141 26.85 8.74 13.60
CA MET D 141 27.52 9.68 12.72
C MET D 141 26.74 10.97 12.67
N ALA D 142 27.44 12.09 12.51
CA ALA D 142 26.78 13.39 12.36
C ALA D 142 25.83 13.35 11.18
N LEU D 143 26.24 12.62 10.15
CA LEU D 143 25.45 12.41 8.93
C LEU D 143 25.79 11.01 8.47
N PRO D 144 24.86 10.36 7.78
CA PRO D 144 25.21 9.08 7.16
C PRO D 144 26.00 9.31 5.87
N PRO D 145 26.92 8.41 5.53
CA PRO D 145 27.80 8.58 4.35
C PRO D 145 27.02 8.86 3.07
N CYS D 146 27.33 9.93 2.35
CA CYS D 146 26.74 10.18 1.04
C CYS D 146 27.50 9.35 -0.01
N HIS D 147 28.83 9.51 -0.02
CA HIS D 147 29.63 8.64 -0.87
C HIS D 147 29.90 7.38 -0.07
N ALA D 148 29.04 6.39 -0.32
CA ALA D 148 28.86 5.31 0.63
C ALA D 148 29.89 4.19 0.51
N PHE D 149 30.35 3.93 -0.71
CA PHE D 149 31.36 2.90 -0.87
C PHE D 149 31.87 2.79 -2.30
N PHE D 150 33.04 2.16 -2.46
CA PHE D 150 33.72 2.14 -3.74
C PHE D 150 34.50 0.85 -3.99
N GLN D 151 34.69 0.54 -5.28
CA GLN D 151 35.35 -0.67 -5.69
C GLN D 151 36.48 -0.34 -6.62
N PHE D 152 37.54 -1.12 -6.54
CA PHE D 152 38.64 -0.96 -7.46
C PHE D 152 38.71 -2.11 -8.43
N TYR D 153 39.26 -1.86 -9.60
CA TYR D 153 39.29 -2.86 -10.65
C TYR D 153 40.49 -2.65 -11.57
N VAL D 154 41.23 -3.73 -11.82
CA VAL D 154 42.44 -3.68 -12.64
C VAL D 154 42.32 -4.42 -13.97
N ALA D 155 42.89 -3.84 -15.02
CA ALA D 155 42.93 -4.47 -16.35
C ALA D 155 43.99 -3.82 -17.22
N ASP D 156 44.89 -4.62 -17.78
CA ASP D 156 46.01 -4.11 -18.58
C ASP D 156 46.81 -3.04 -17.84
N GLY D 157 47.14 -3.32 -16.59
CA GLY D 157 47.81 -2.35 -15.73
C GLY D 157 47.14 -0.99 -15.63
N ARG D 158 45.82 -0.97 -15.77
CA ARG D 158 45.04 0.24 -15.53
C ARG D 158 44.10 0.07 -14.33
N LEU D 159 44.14 1.06 -13.44
CA LEU D 159 43.32 1.05 -12.24
C LEU D 159 42.05 1.85 -12.46
N SER D 160 40.91 1.18 -12.37
CA SER D 160 39.62 1.87 -12.39
C SER D 160 38.96 1.92 -11.02
N CYS D 161 38.02 2.85 -10.85
CA CYS D 161 37.31 3.03 -9.59
C CYS D 161 35.86 3.37 -9.85
N GLN D 162 34.98 2.59 -9.23
CA GLN D 162 33.55 2.91 -9.22
C GLN D 162 33.08 3.27 -7.82
N LEU D 163 32.47 4.44 -7.71
CA LEU D 163 31.87 4.92 -6.47
C LEU D 163 30.35 4.78 -6.52
N TYR D 164 29.75 4.32 -5.43
CA TYR D 164 28.31 4.41 -5.26
C TYR D 164 28.00 5.55 -4.29
N GLN D 165 27.24 6.53 -4.75
CA GLN D 165 26.91 7.69 -3.93
C GLN D 165 25.41 7.75 -3.74
N ARG D 166 24.99 7.46 -2.52
CA ARG D 166 23.58 7.21 -2.23
C ARG D 166 22.76 8.48 -2.38
N SER D 167 23.41 9.63 -2.22
CA SER D 167 22.73 10.91 -2.19
C SER D 167 23.63 12.01 -2.77
N ALA D 168 23.12 12.72 -3.77
CA ALA D 168 23.95 13.60 -4.58
C ALA D 168 23.40 15.01 -4.70
N ASP D 169 24.02 15.92 -3.97
CA ASP D 169 23.77 17.34 -4.12
C ASP D 169 24.52 17.73 -5.40
N LEU D 170 23.83 17.66 -6.52
CA LEU D 170 24.44 17.81 -7.83
C LEU D 170 25.31 19.07 -8.00
N PHE D 171 24.80 20.23 -7.59
CA PHE D 171 25.51 21.48 -7.81
C PHE D 171 26.66 21.70 -6.84
N LEU D 172 26.47 21.38 -5.58
CA LEU D 172 27.40 21.78 -4.54
C LEU D 172 28.36 20.65 -4.14
N GLY D 173 27.83 19.46 -3.96
CA GLY D 173 28.65 18.34 -3.51
C GLY D 173 29.39 17.54 -4.58
N VAL D 174 28.71 17.22 -5.68
CA VAL D 174 29.24 16.25 -6.63
C VAL D 174 30.58 16.64 -7.25
N PRO D 175 30.74 17.92 -7.63
CA PRO D 175 32.02 18.39 -8.17
C PRO D 175 33.19 18.13 -7.19
N PHE D 176 32.90 18.17 -5.89
CA PHE D 176 33.87 17.81 -4.88
C PHE D 176 34.19 16.32 -4.88
N ASN D 177 33.15 15.50 -4.97
CA ASN D 177 33.25 14.06 -4.94
C ASN D 177 33.98 13.49 -6.17
N ILE D 178 33.72 14.08 -7.33
CA ILE D 178 34.35 13.63 -8.55
C ILE D 178 35.85 13.85 -8.43
N ALA D 179 36.24 15.05 -8.00
CA ALA D 179 37.65 15.40 -7.90
C ALA D 179 38.33 14.52 -6.85
N SER D 180 37.67 14.39 -5.70
CA SER D 180 38.24 13.67 -4.58
C SER D 180 38.59 12.22 -4.95
N TYR D 181 37.62 11.51 -5.52
CA TYR D 181 37.83 10.12 -5.86
C TYR D 181 38.81 9.95 -7.02
N ALA D 182 38.81 10.90 -7.94
CA ALA D 182 39.80 10.90 -9.01
C ALA D 182 41.18 11.02 -8.41
N LEU D 183 41.27 11.79 -7.34
CA LEU D 183 42.54 12.02 -6.68
C LEU D 183 42.98 10.79 -5.93
N LEU D 184 42.06 10.16 -5.23
CA LEU D 184 42.37 8.95 -4.47
C LEU D 184 42.85 7.86 -5.42
N THR D 185 42.16 7.76 -6.54
CA THR D 185 42.44 6.76 -7.55
C THR D 185 43.87 6.90 -8.09
N HIS D 186 44.26 8.12 -8.45
CA HIS D 186 45.64 8.38 -8.84
C HIS D 186 46.58 7.92 -7.74
N MET D 187 46.20 8.19 -6.50
CA MET D 187 47.01 7.83 -5.35
C MET D 187 47.16 6.32 -5.23
N MET D 188 46.04 5.61 -5.30
CA MET D 188 46.04 4.18 -5.14
C MET D 188 46.79 3.56 -6.30
N ALA D 189 46.71 4.21 -7.45
CA ALA D 189 47.39 3.72 -8.65
C ALA D 189 48.91 3.89 -8.56
N ALA D 190 49.36 5.07 -8.11
CA ALA D 190 50.78 5.29 -7.89
C ALA D 190 51.30 4.24 -6.92
N GLN D 191 50.59 4.02 -5.82
CA GLN D 191 51.11 3.12 -4.79
C GLN D 191 51.08 1.63 -5.17
N ALA D 192 50.29 1.28 -6.18
CA ALA D 192 50.22 -0.10 -6.65
C ALA D 192 51.02 -0.27 -7.92
N GLY D 193 51.69 0.78 -8.36
CA GLY D 193 52.44 0.74 -9.61
C GLY D 193 51.56 0.55 -10.83
N LEU D 194 50.46 1.29 -10.89
CA LEU D 194 49.52 1.17 -11.99
C LEU D 194 49.28 2.53 -12.61
N SER D 195 48.71 2.51 -13.82
CA SER D 195 48.23 3.73 -14.46
C SER D 195 46.76 3.88 -14.16
N VAL D 196 46.22 5.08 -14.41
CA VAL D 196 44.81 5.36 -14.18
C VAL D 196 43.94 4.82 -15.31
N GLY D 197 42.71 4.46 -14.98
CA GLY D 197 41.75 4.03 -15.98
C GLY D 197 40.53 4.92 -16.00
N GLU D 198 39.39 4.36 -15.63
CA GLU D 198 38.16 5.14 -15.55
C GLU D 198 37.78 5.45 -14.10
N PHE D 199 37.10 6.57 -13.91
CA PHE D 199 36.31 6.76 -12.71
C PHE D 199 34.86 6.73 -13.11
N ILE D 200 34.12 5.86 -12.46
CA ILE D 200 32.72 5.65 -12.71
C ILE D 200 31.92 6.09 -11.49
N TRP D 201 31.02 7.05 -11.71
CA TRP D 201 30.20 7.61 -10.66
C TRP D 201 28.78 7.13 -10.78
N THR D 202 28.32 6.45 -9.76
CA THR D 202 26.97 5.91 -9.75
C THR D 202 26.17 6.47 -8.58
N GLY D 203 25.05 7.10 -8.89
CA GLY D 203 24.28 7.79 -7.88
C GLY D 203 22.97 7.11 -7.58
N GLY D 204 22.55 7.23 -6.34
CA GLY D 204 21.21 6.84 -5.93
C GLY D 204 20.29 8.01 -6.19
N ASP D 205 20.07 8.83 -5.16
CA ASP D 205 19.22 10.02 -5.26
C ASP D 205 20.01 11.23 -5.77
N CYS D 206 19.77 11.57 -7.02
CA CYS D 206 20.53 12.63 -7.69
C CYS D 206 19.67 13.89 -7.80
N HIS D 207 20.04 14.91 -7.03
CA HIS D 207 19.12 16.02 -6.88
C HIS D 207 19.76 17.42 -6.99
N ILE D 208 18.94 18.34 -7.48
CA ILE D 208 19.30 19.75 -7.57
C ILE D 208 18.39 20.56 -6.66
N TYR D 209 18.96 21.10 -5.59
CA TYR D 209 18.17 21.90 -4.67
C TYR D 209 17.52 23.07 -5.39
N ASP D 210 16.31 23.41 -4.98
CA ASP D 210 15.52 24.46 -5.62
C ASP D 210 16.16 25.86 -5.52
N ASN D 211 17.01 26.05 -4.51
CA ASN D 211 17.71 27.32 -4.35
C ASN D 211 19.08 27.34 -5.04
N HIS D 212 19.30 26.40 -5.96
CA HIS D 212 20.57 26.32 -6.70
C HIS D 212 20.34 26.47 -8.19
N VAL D 213 19.09 26.76 -8.54
CA VAL D 213 18.66 26.68 -9.92
C VAL D 213 19.17 27.80 -10.82
N GLU D 214 19.24 29.02 -10.29
CA GLU D 214 19.79 30.13 -11.06
C GLU D 214 21.30 29.93 -11.27
N GLN D 215 21.93 29.28 -10.30
CA GLN D 215 23.33 28.95 -10.44
C GLN D 215 23.51 27.84 -11.48
N VAL D 216 22.64 26.84 -11.44
CA VAL D 216 22.76 25.76 -12.40
C VAL D 216 22.57 26.30 -13.81
N ARG D 217 21.68 27.26 -14.00
CA ARG D 217 21.46 27.83 -15.33
CA ARG D 217 21.45 27.84 -15.32
C ARG D 217 22.65 28.65 -15.81
N LEU D 218 23.22 29.46 -14.93
CA LEU D 218 24.42 30.20 -15.28
C LEU D 218 25.47 29.19 -15.74
N GLN D 219 25.78 28.23 -14.87
CA GLN D 219 26.79 27.23 -15.17
C GLN D 219 26.56 26.54 -16.51
N LEU D 220 25.31 26.23 -16.82
CA LEU D 220 25.00 25.48 -18.02
C LEU D 220 25.07 26.30 -19.30
N SER D 221 25.18 27.62 -19.15
CA SER D 221 25.25 28.50 -20.30
C SER D 221 26.69 28.70 -20.72
N ARG D 222 27.61 28.15 -19.93
CA ARG D 222 29.03 28.33 -20.17
C ARG D 222 29.61 27.26 -21.08
N GLU D 223 30.70 27.61 -21.75
CA GLU D 223 31.34 26.70 -22.67
C GLU D 223 32.41 25.89 -21.93
N PRO D 224 32.28 24.55 -21.95
CA PRO D 224 33.24 23.66 -21.30
C PRO D 224 34.62 23.74 -21.91
N ARG D 225 35.63 23.70 -21.04
CA ARG D 225 37.01 23.78 -21.49
C ARG D 225 37.70 22.52 -21.03
N PRO D 226 38.75 22.12 -21.76
CA PRO D 226 39.56 20.93 -21.45
C PRO D 226 39.91 20.83 -19.99
N TYR D 227 39.94 19.61 -19.47
CA TYR D 227 40.31 19.35 -18.09
C TYR D 227 41.82 19.47 -17.94
N PRO D 228 42.30 19.80 -16.74
CA PRO D 228 43.73 19.94 -16.42
C PRO D 228 44.40 18.58 -16.22
N LYS D 229 45.69 18.58 -15.88
CA LYS D 229 46.44 17.37 -15.59
C LYS D 229 46.86 17.34 -14.14
N LEU D 230 46.90 16.15 -13.55
CA LEU D 230 47.30 16.02 -12.16
C LEU D 230 48.70 15.48 -12.03
N LEU D 231 49.53 16.15 -11.23
CA LEU D 231 50.88 15.68 -10.95
C LEU D 231 51.03 15.29 -9.48
N LEU D 232 51.41 14.03 -9.23
CA LEU D 232 51.67 13.57 -7.87
C LEU D 232 53.17 13.35 -7.68
N ALA D 233 53.71 13.90 -6.59
CA ALA D 233 55.11 13.64 -6.25
C ALA D 233 55.21 12.23 -5.68
N ASP D 234 56.41 11.68 -5.60
CA ASP D 234 56.57 10.31 -5.11
C ASP D 234 56.50 10.26 -3.60
N ARG D 235 55.83 9.25 -3.07
CA ARG D 235 55.90 8.90 -1.66
C ARG D 235 55.91 7.39 -1.55
N ASP D 236 56.26 6.87 -0.38
CA ASP D 236 56.36 5.42 -0.19
C ASP D 236 55.10 4.84 0.44
N SER D 237 54.15 5.70 0.77
CA SER D 237 52.91 5.25 1.41
C SER D 237 51.81 6.23 1.05
N ILE D 238 50.63 5.70 0.78
CA ILE D 238 49.49 6.53 0.52
C ILE D 238 49.26 7.47 1.71
N PHE D 239 49.73 7.07 2.88
CA PHE D 239 49.49 7.82 4.10
C PHE D 239 50.54 8.90 4.34
N GLU D 240 51.49 9.02 3.42
CA GLU D 240 52.51 10.05 3.55
C GLU D 240 52.31 11.22 2.59
N TYR D 241 51.28 11.17 1.77
CA TYR D 241 51.00 12.30 0.88
C TYR D 241 50.71 13.56 1.67
N THR D 242 51.06 14.70 1.09
CA THR D 242 50.74 16.02 1.61
C THR D 242 50.23 16.90 0.47
N TYR D 243 49.53 17.98 0.79
CA TYR D 243 49.06 18.90 -0.26
C TYR D 243 50.21 19.30 -1.17
N GLU D 244 51.38 19.55 -0.59
CA GLU D 244 52.56 19.93 -1.36
C GLU D 244 52.81 18.95 -2.53
N ASP D 245 52.46 17.69 -2.32
CA ASP D 245 52.71 16.65 -3.33
C ASP D 245 51.67 16.67 -4.44
N ILE D 246 50.61 17.46 -4.25
CA ILE D 246 49.44 17.38 -5.12
C ILE D 246 49.30 18.64 -5.94
N VAL D 247 49.70 18.56 -7.20
CA VAL D 247 49.75 19.74 -8.04
C VAL D 247 48.92 19.60 -9.29
N VAL D 248 48.18 20.66 -9.62
CA VAL D 248 47.32 20.71 -10.80
C VAL D 248 47.96 21.60 -11.88
N LYS D 249 47.84 21.21 -13.14
CA LYS D 249 48.36 22.04 -14.23
C LYS D 249 47.30 22.30 -15.30
N ASN D 250 47.28 23.53 -15.82
CA ASN D 250 46.45 23.89 -16.97
C ASN D 250 44.97 23.92 -16.63
N TYR D 251 44.67 24.30 -15.39
CA TYR D 251 43.31 24.39 -14.92
C TYR D 251 42.82 25.82 -15.08
N ASP D 252 42.01 26.06 -16.11
CA ASP D 252 41.48 27.40 -16.34
C ASP D 252 39.97 27.34 -16.34
N PRO D 253 39.33 27.38 -15.14
CA PRO D 253 37.87 27.26 -15.10
C PRO D 253 37.21 28.61 -15.32
N HIS D 254 35.93 28.60 -15.67
CA HIS D 254 35.12 29.79 -15.63
C HIS D 254 35.02 30.18 -14.17
N PRO D 255 34.58 31.42 -13.88
CA PRO D 255 34.52 31.90 -12.49
C PRO D 255 33.76 31.00 -11.51
N ALA D 256 34.18 31.06 -10.25
CA ALA D 256 33.45 30.40 -9.18
C ALA D 256 32.02 30.95 -9.04
N ILE D 257 31.12 30.07 -8.59
CA ILE D 257 29.71 30.41 -8.37
C ILE D 257 29.28 30.13 -6.92
N LYS D 258 29.00 31.16 -6.13
CA LYS D 258 28.60 30.93 -4.73
C LYS D 258 27.19 30.35 -4.60
N ALA D 259 27.00 29.48 -3.60
CA ALA D 259 25.70 28.83 -3.37
C ALA D 259 25.51 28.40 -1.90
N PRO D 260 24.29 28.62 -1.38
CA PRO D 260 23.98 28.31 0.02
C PRO D 260 23.78 26.81 0.22
N VAL D 261 24.50 26.23 1.17
CA VAL D 261 24.41 24.81 1.49
C VAL D 261 23.13 24.47 2.28
N ALA D 262 22.58 23.29 2.01
CA ALA D 262 21.42 22.80 2.77
C ALA D 262 21.84 21.93 3.96
N VAL D 263 21.61 22.45 5.16
CA VAL D 263 22.01 21.78 6.39
C VAL D 263 21.19 20.50 6.63
#